data_3MLV
#
_entry.id   3MLV
#
_cell.length_a   42.554
_cell.length_b   42.745
_cell.length_c   116.063
_cell.angle_alpha   87.91
_cell.angle_beta   85.22
_cell.angle_gamma   85.97
#
_symmetry.space_group_name_H-M   'P 1'
#
loop_
_entity.id
_entity.type
_entity.pdbx_description
1 polymer 'Human monoclonal anti-HIV-1 gp120 V3 antibody 2557 Fab light chain'
2 polymer 'Human monoclonal anti-HIV-1 gp120 V3 antibody 2557 Fab heavy chain'
3 polymer 'HIV-1 gp120 third variable region (V3) crown'
4 water water
#
loop_
_entity_poly.entity_id
_entity_poly.type
_entity_poly.pdbx_seq_one_letter_code
_entity_poly.pdbx_strand_id
1 'polypeptide(L)'
;SYLLTQPPSVSVSPGQTASISCSGDKLDDKYVSWYYQRPGQSPVLLMYQDFKRPSGIPERLSGSKSGKTATLTISGTQSL
DEGDYYCQAWDASTGVSGGGTKLTVLFGEGTRLTVLAQPKAAPSVTLFPPSSEELQANKATLVCLISDFYPGAVTVAWKA
DSSPVKAGVETTTPSKQSNNKYAASSYLSLTPEQWKSHKSYSCQVTHEGSTVEKTVAPT
;
L,M
2 'polypeptide(L)'
;EVQLVESGGEVKQPGQSLKISCKSSGYNFLDSWIGWVRQIPGKGLEWIGIIYPDDSDAHYSPSFEGQVTMSVDKSISTAY
LQWTTLQASDTGKYFCTRLYLFEGAQSSNAFDLWGQGTMILVSSGTTKGPSVFPLAPSSKSTSGGTAALGCLVKDYFPEP
VTVSWNSGALTSGVHTFPAVLQSSGLYSLSSVVTVPSSSLGTQTYICNVNHKPSNTKVDKKVEPKS
;
H,N
3 'polypeptide(L)' NNTRKRIRVGPGQTVYATNA P,Q
#
# COMPACT_ATOMS: atom_id res chain seq x y z
N TYR A 2 -10.43 16.88 -14.04
CA TYR A 2 -10.41 15.61 -14.74
C TYR A 2 -11.35 14.65 -14.00
N LEU A 3 -11.52 13.42 -14.47
CA LEU A 3 -12.40 12.46 -13.80
C LEU A 3 -11.71 11.15 -13.35
N LEU A 4 -12.31 10.49 -12.37
CA LEU A 4 -11.76 9.27 -11.81
C LEU A 4 -12.61 8.04 -12.18
N THR A 5 -11.95 7.06 -12.80
CA THR A 5 -12.61 5.90 -13.36
C THR A 5 -12.32 4.69 -12.52
N GLN A 6 -13.39 4.08 -12.01
CA GLN A 6 -13.28 2.90 -11.18
C GLN A 6 -14.12 1.79 -11.78
N PRO A 7 -13.73 0.53 -11.52
CA PRO A 7 -14.56 -0.61 -11.92
C PRO A 7 -15.84 -0.62 -11.10
N PRO A 8 -17.01 -0.72 -11.76
CA PRO A 8 -18.31 -0.69 -11.09
C PRO A 8 -18.46 -1.77 -10.03
N SER A 9 -17.69 -2.84 -10.16
CA SER A 9 -17.89 -3.93 -9.24
C SER A 9 -16.76 -4.90 -9.27
N VAL A 10 -16.45 -5.45 -8.11
CA VAL A 10 -15.43 -6.47 -7.96
C VAL A 10 -15.94 -7.57 -7.03
N SER A 11 -15.64 -8.81 -7.37
CA SER A 11 -16.10 -9.96 -6.60
C SER A 11 -14.90 -10.76 -6.07
N VAL A 12 -14.98 -11.20 -4.80
CA VAL A 12 -13.90 -11.95 -4.17
C VAL A 12 -14.41 -13.01 -3.21
N SER A 13 -13.76 -14.17 -3.21
CA SER A 13 -14.05 -15.19 -2.21
C SER A 13 -13.43 -14.79 -0.88
N PRO A 14 -14.15 -15.06 0.22
CA PRO A 14 -13.69 -14.72 1.57
C PRO A 14 -12.28 -15.27 1.83
N GLY A 15 -11.43 -14.47 2.45
CA GLY A 15 -10.09 -14.93 2.75
C GLY A 15 -9.09 -14.60 1.66
N GLN A 16 -9.58 -14.20 0.49
CA GLN A 16 -8.72 -13.83 -0.63
C GLN A 16 -8.58 -12.31 -0.76
N THR A 17 -7.82 -11.85 -1.75
CA THR A 17 -7.46 -10.44 -1.85
C THR A 17 -8.21 -9.76 -2.98
N ALA A 18 -8.72 -8.57 -2.70
CA ALA A 18 -9.40 -7.78 -3.71
C ALA A 18 -8.67 -6.47 -3.99
N SER A 19 -8.61 -6.09 -5.25
CA SER A 19 -8.05 -4.81 -5.63
C SER A 19 -9.12 -3.92 -6.24
N ILE A 20 -9.14 -2.67 -5.81
CA ILE A 20 -10.01 -1.68 -6.41
C ILE A 20 -9.15 -0.62 -7.09
N SER A 21 -9.29 -0.51 -8.40
CA SER A 21 -8.50 0.40 -9.20
C SER A 21 -9.18 1.75 -9.35
N CYS A 22 -8.38 2.79 -9.49
CA CYS A 22 -8.89 4.14 -9.68
C CYS A 22 -7.96 4.92 -10.59
N SER A 23 -8.31 4.96 -11.88
CA SER A 23 -7.48 5.61 -12.90
C SER A 23 -7.93 7.04 -13.16
N GLY A 24 -6.98 7.89 -13.52
CA GLY A 24 -7.26 9.30 -13.75
C GLY A 24 -6.05 10.05 -14.26
N ASP A 25 -6.27 11.00 -15.16
CA ASP A 25 -5.18 11.61 -15.91
C ASP A 25 -4.16 12.43 -15.08
N LYS A 26 -4.58 13.04 -13.99
CA LYS A 26 -3.66 13.81 -13.14
C LYS A 26 -3.26 13.07 -11.86
N LEU A 27 -3.66 11.82 -11.76
CA LEU A 27 -3.42 11.08 -10.55
C LEU A 27 -1.94 10.78 -10.32
N ASP A 28 -1.11 11.11 -11.31
CA ASP A 28 0.32 10.86 -11.14
C ASP A 28 1.06 12.05 -10.54
N ASP A 29 0.32 13.08 -10.17
CA ASP A 29 0.85 14.12 -9.29
C ASP A 29 -0.19 14.58 -8.28
N LYS A 30 -1.12 13.67 -7.94
CA LYS A 30 -2.22 13.97 -7.03
C LYS A 30 -2.44 12.87 -5.98
N TYR A 31 -2.35 13.21 -4.69
CA TYR A 31 -2.66 12.23 -3.66
C TYR A 31 -4.10 11.72 -3.79
N VAL A 32 -4.26 10.41 -3.57
CA VAL A 32 -5.56 9.76 -3.64
C VAL A 32 -5.98 9.24 -2.26
N SER A 33 -7.23 9.52 -1.89
CA SER A 33 -7.82 8.99 -0.66
C SER A 33 -8.94 8.04 -1.01
N TRP A 34 -9.22 7.09 -0.12
CA TRP A 34 -10.34 6.17 -0.33
C TRP A 34 -11.31 6.17 0.85
N TYR A 35 -12.59 5.99 0.54
CA TYR A 35 -13.67 5.98 1.52
C TYR A 35 -14.55 4.72 1.42
N TYR A 36 -14.93 4.21 2.59
CA TYR A 36 -15.86 3.09 2.64
C TYR A 36 -17.25 3.64 2.99
N GLN A 37 -18.28 2.97 2.52
CA GLN A 37 -19.65 3.34 2.87
C GLN A 37 -20.57 2.14 2.74
N ARG A 38 -21.18 1.76 3.86
CA ARG A 38 -22.17 0.71 3.86
C ARG A 38 -23.47 1.33 3.44
N PRO A 39 -24.32 0.56 2.76
CA PRO A 39 -25.59 1.15 2.31
C PRO A 39 -26.34 1.70 3.49
N GLY A 40 -26.57 3.01 3.50
CA GLY A 40 -27.36 3.64 4.54
C GLY A 40 -26.56 4.56 5.43
N GLN A 41 -25.29 4.21 5.65
CA GLN A 41 -24.43 4.92 6.57
C GLN A 41 -23.59 6.00 5.86
N SER A 42 -22.98 6.89 6.64
CA SER A 42 -22.08 7.93 6.11
C SER A 42 -20.76 7.35 5.64
N PRO A 43 -20.14 7.93 4.61
CA PRO A 43 -18.83 7.45 4.17
C PRO A 43 -17.83 7.54 5.32
N VAL A 44 -16.78 6.73 5.26
CA VAL A 44 -15.73 6.74 6.26
C VAL A 44 -14.36 6.69 5.59
N LEU A 45 -13.43 7.52 6.05
CA LEU A 45 -12.09 7.58 5.47
C LEU A 45 -11.29 6.27 5.69
N LEU A 46 -10.74 5.72 4.60
CA LEU A 46 -9.97 4.46 4.68
C LEU A 46 -8.48 4.66 4.48
N MET A 47 -8.13 5.73 3.78
CA MET A 47 -6.79 5.84 3.24
C MET A 47 -6.65 7.22 2.64
N TYR A 48 -5.46 7.80 2.78
CA TYR A 48 -5.24 9.11 2.25
C TYR A 48 -3.80 9.18 1.82
N GLN A 49 -3.50 10.13 0.96
CA GLN A 49 -2.14 10.31 0.46
C GLN A 49 -1.64 8.99 -0.13
N ASP A 50 -2.45 8.42 -1.02
CA ASP A 50 -2.16 7.14 -1.69
C ASP A 50 -2.20 5.88 -0.83
N PHE A 51 -1.46 5.85 0.27
CA PHE A 51 -1.17 4.57 0.95
C PHE A 51 -1.20 4.62 2.47
N LYS A 52 -1.52 5.77 3.03
CA LYS A 52 -1.49 5.94 4.47
C LYS A 52 -2.83 5.61 5.09
N ARG A 53 -2.81 4.85 6.18
CA ARG A 53 -4.04 4.53 6.89
C ARG A 53 -4.17 5.45 8.09
N PRO A 54 -5.37 6.07 8.24
CA PRO A 54 -5.72 6.85 9.42
C PRO A 54 -5.92 5.90 10.59
N SER A 55 -5.89 6.40 11.81
CA SER A 55 -5.93 5.52 12.98
C SER A 55 -7.16 4.62 13.00
N GLY A 56 -6.92 3.33 13.20
CA GLY A 56 -8.01 2.39 13.44
C GLY A 56 -8.37 1.55 12.24
N ILE A 57 -7.77 1.87 11.09
CA ILE A 57 -7.94 1.05 9.89
C ILE A 57 -6.88 -0.07 9.87
N PRO A 58 -7.33 -1.31 9.65
CA PRO A 58 -6.46 -2.48 9.83
C PRO A 58 -5.36 -2.60 8.76
N GLU A 59 -4.26 -3.24 9.13
CA GLU A 59 -3.14 -3.36 8.21
C GLU A 59 -3.60 -4.06 6.93
N ARG A 60 -4.57 -4.96 7.08
CA ARG A 60 -4.95 -5.81 5.98
C ARG A 60 -5.42 -4.98 4.80
N LEU A 61 -5.67 -3.70 5.05
CA LEU A 61 -5.98 -2.76 4.00
C LEU A 61 -4.73 -2.00 3.59
N SER A 62 -4.49 -1.85 2.31
CA SER A 62 -3.33 -1.10 1.88
C SER A 62 -3.63 -0.41 0.58
N GLY A 63 -3.14 0.82 0.44
CA GLY A 63 -3.31 1.57 -0.78
C GLY A 63 -1.99 1.69 -1.49
N SER A 64 -2.04 1.90 -2.81
CA SER A 64 -0.83 2.14 -3.59
C SER A 64 -1.15 2.98 -4.82
N LYS A 65 -0.12 3.43 -5.51
CA LYS A 65 -0.35 4.10 -6.77
C LYS A 65 0.78 3.79 -7.73
N SER A 66 0.46 3.87 -9.02
CA SER A 66 1.43 3.57 -10.05
C SER A 66 0.96 4.24 -11.35
N GLY A 67 1.73 5.22 -11.81
CA GLY A 67 1.35 5.96 -13.01
C GLY A 67 0.07 6.71 -12.78
N LYS A 68 -0.90 6.50 -13.67
CA LYS A 68 -2.15 7.25 -13.58
C LYS A 68 -3.25 6.38 -13.01
N THR A 69 -2.83 5.41 -12.22
CA THR A 69 -3.75 4.48 -11.59
C THR A 69 -3.38 4.23 -10.13
N ALA A 70 -4.30 4.56 -9.23
CA ALA A 70 -4.17 4.26 -7.81
C ALA A 70 -4.87 2.94 -7.54
N THR A 71 -4.52 2.27 -6.45
CA THR A 71 -5.15 0.99 -6.08
C THR A 71 -5.36 0.80 -4.59
N LEU A 72 -6.55 0.31 -4.24
CA LEU A 72 -6.86 -0.14 -2.88
C LEU A 72 -6.90 -1.66 -2.87
N THR A 73 -6.27 -2.25 -1.85
CA THR A 73 -6.13 -3.69 -1.80
C THR A 73 -6.56 -4.19 -0.43
N ILE A 74 -7.51 -5.11 -0.44
CA ILE A 74 -8.03 -5.70 0.78
C ILE A 74 -7.68 -7.18 0.82
N SER A 75 -6.79 -7.55 1.72
CA SER A 75 -6.43 -8.94 1.90
C SER A 75 -7.29 -9.51 3.02
N GLY A 76 -7.55 -10.80 3.00
CA GLY A 76 -8.36 -11.43 4.03
C GLY A 76 -9.80 -10.93 4.04
N THR A 77 -10.39 -10.75 2.86
CA THR A 77 -11.73 -10.18 2.75
C THR A 77 -12.78 -11.00 3.50
N GLN A 78 -13.44 -10.36 4.46
CA GLN A 78 -14.55 -10.95 5.18
C GLN A 78 -15.87 -10.39 4.63
N SER A 79 -17.01 -10.99 4.99
CA SER A 79 -18.32 -10.48 4.56
C SER A 79 -18.59 -9.01 4.88
N LEU A 80 -18.22 -8.56 6.08
CA LEU A 80 -18.43 -7.16 6.49
C LEU A 80 -17.79 -6.11 5.57
N ASP A 81 -16.83 -6.52 4.75
CA ASP A 81 -16.18 -5.61 3.80
C ASP A 81 -17.07 -5.23 2.62
N GLU A 82 -18.12 -6.02 2.37
CA GLU A 82 -19.06 -5.71 1.30
C GLU A 82 -19.59 -4.28 1.43
N GLY A 83 -19.83 -3.63 0.29
CA GLY A 83 -20.21 -2.23 0.29
C GLY A 83 -19.50 -1.44 -0.80
N ASP A 84 -19.62 -0.11 -0.73
CA ASP A 84 -19.13 0.77 -1.79
C ASP A 84 -17.84 1.47 -1.41
N TYR A 85 -16.90 1.47 -2.35
CA TYR A 85 -15.60 2.06 -2.14
C TYR A 85 -15.36 3.20 -3.13
N TYR A 86 -14.95 4.35 -2.62
CA TYR A 86 -14.75 5.51 -3.48
C TYR A 86 -13.33 6.06 -3.37
N CYS A 87 -12.71 6.35 -4.50
CA CYS A 87 -11.46 7.08 -4.45
C CYS A 87 -11.77 8.56 -4.65
N GLN A 88 -10.81 9.40 -4.32
CA GLN A 88 -10.95 10.84 -4.52
C GLN A 88 -9.58 11.49 -4.59
N ALA A 89 -9.51 12.56 -5.38
CA ALA A 89 -8.31 13.36 -5.48
C ALA A 89 -8.76 14.79 -5.71
N TRP A 90 -7.81 15.68 -5.99
CA TRP A 90 -8.13 17.09 -6.16
C TRP A 90 -7.64 17.59 -7.48
N ASP A 91 -8.10 18.79 -7.83
CA ASP A 91 -7.53 19.57 -8.90
C ASP A 91 -7.25 20.98 -8.40
N ALA A 92 -6.16 21.55 -8.88
CA ALA A 92 -5.79 22.88 -8.49
C ALA A 92 -5.23 23.55 -9.72
N SER A 93 -5.93 24.58 -10.20
CA SER A 93 -5.44 25.34 -11.33
C SER A 93 -5.86 26.79 -11.17
N THR A 94 -5.01 27.71 -11.63
CA THR A 94 -5.38 29.11 -11.62
C THR A 94 -6.11 29.43 -12.92
N GLY A 95 -7.18 30.21 -12.81
CA GLY A 95 -7.96 30.59 -13.97
C GLY A 95 -7.16 31.50 -14.86
N VAL A 96 -7.42 31.44 -16.17
CA VAL A 96 -6.67 32.18 -17.16
C VAL A 96 -6.67 33.70 -16.92
N SER A 97 -7.67 34.22 -16.21
CA SER A 97 -7.75 35.64 -15.95
C SER A 97 -7.46 36.06 -14.51
N GLY A 98 -6.83 35.19 -13.72
CA GLY A 98 -6.41 35.54 -12.37
C GLY A 98 -7.33 35.09 -11.25
N GLY A 99 -7.09 35.61 -10.05
CA GLY A 99 -7.95 35.37 -8.90
C GLY A 99 -7.64 34.15 -8.04
N GLY A 100 -6.42 33.64 -8.11
CA GLY A 100 -5.96 32.60 -7.21
C GLY A 100 -6.28 31.17 -7.59
N THR A 101 -5.79 30.22 -6.80
CA THR A 101 -5.95 28.81 -7.14
C THR A 101 -7.36 28.36 -6.85
N LYS A 102 -7.98 27.73 -7.84
CA LYS A 102 -9.29 27.17 -7.62
C LYS A 102 -9.15 25.66 -7.40
N LEU A 103 -9.71 25.20 -6.28
CA LEU A 103 -9.62 23.79 -5.92
C LEU A 103 -10.83 23.03 -6.42
N THR A 104 -10.62 21.76 -6.75
CA THR A 104 -11.70 20.84 -7.11
C THR A 104 -11.57 19.54 -6.32
N VAL A 105 -12.67 19.08 -5.73
CA VAL A 105 -12.67 17.76 -5.12
C VAL A 105 -13.40 16.80 -6.05
N LEU A 106 -12.73 15.69 -6.39
CA LEU A 106 -13.28 14.72 -7.34
C LEU A 106 -13.45 13.34 -6.70
N PHE A 107 -14.46 12.59 -7.12
CA PHE A 107 -14.67 11.23 -6.62
C PHE A 107 -14.83 10.26 -7.77
N GLY A 108 -14.25 9.08 -7.63
CA GLY A 108 -14.61 7.99 -8.51
C GLY A 108 -16.08 7.66 -8.28
N GLU A 109 -16.69 6.94 -9.22
CA GLU A 109 -18.12 6.63 -9.13
C GLU A 109 -18.41 5.51 -8.15
N GLY A 110 -17.34 4.92 -7.62
CA GLY A 110 -17.48 3.91 -6.60
C GLY A 110 -17.47 2.50 -7.12
N THR A 111 -16.97 1.60 -6.28
CA THR A 111 -16.92 0.19 -6.61
C THR A 111 -17.68 -0.57 -5.54
N ARG A 112 -18.65 -1.39 -5.95
CA ARG A 112 -19.36 -2.23 -5.00
C ARG A 112 -18.61 -3.54 -4.90
N LEU A 113 -18.31 -3.95 -3.68
CA LEU A 113 -17.56 -5.17 -3.45
C LEU A 113 -18.49 -6.28 -3.02
N THR A 114 -18.47 -7.39 -3.74
CA THR A 114 -19.21 -8.57 -3.32
C THR A 114 -18.24 -9.60 -2.75
N VAL A 115 -18.57 -10.09 -1.56
CA VAL A 115 -17.83 -11.20 -1.00
C VAL A 115 -18.72 -12.43 -0.93
N LEU A 116 -18.34 -13.45 -1.70
CA LEU A 116 -19.19 -14.61 -1.93
C LEU A 116 -19.12 -15.60 -0.79
N ALA A 117 -20.01 -15.45 0.17
CA ALA A 117 -20.02 -16.30 1.36
C ALA A 117 -21.01 -17.45 1.26
N GLN A 118 -21.39 -17.82 0.05
CA GLN A 118 -22.31 -18.93 -0.13
C GLN A 118 -22.43 -19.31 -1.61
N PRO A 119 -22.94 -20.50 -1.89
CA PRO A 119 -22.96 -21.01 -3.26
C PRO A 119 -24.00 -20.31 -4.12
N LYS A 120 -23.73 -20.23 -5.41
CA LYS A 120 -24.68 -19.63 -6.33
C LYS A 120 -26.04 -20.33 -6.19
N ALA A 121 -27.07 -19.52 -6.08
CA ALA A 121 -28.43 -20.03 -6.09
C ALA A 121 -29.15 -19.34 -7.22
N ALA A 122 -29.78 -20.12 -8.07
CA ALA A 122 -30.57 -19.55 -9.16
C ALA A 122 -31.91 -19.06 -8.62
N PRO A 123 -32.37 -17.89 -9.06
CA PRO A 123 -33.62 -17.29 -8.57
C PRO A 123 -34.85 -18.11 -8.93
N SER A 124 -35.89 -18.04 -8.10
CA SER A 124 -37.23 -18.47 -8.48
C SER A 124 -37.93 -17.22 -8.98
N VAL A 125 -38.70 -17.36 -10.04
CA VAL A 125 -39.43 -16.21 -10.56
C VAL A 125 -40.93 -16.42 -10.52
N THR A 126 -41.63 -15.55 -9.81
CA THR A 126 -43.09 -15.56 -9.81
C THR A 126 -43.61 -14.23 -10.37
N LEU A 127 -44.48 -14.33 -11.35
CA LEU A 127 -45.01 -13.17 -12.04
C LEU A 127 -46.54 -13.11 -11.86
N PHE A 128 -47.04 -12.01 -11.30
CA PHE A 128 -48.48 -11.86 -11.09
C PHE A 128 -49.09 -10.97 -12.14
N PRO A 129 -50.24 -11.39 -12.69
CA PRO A 129 -51.02 -10.56 -13.61
C PRO A 129 -51.74 -9.46 -12.83
N PRO A 130 -52.35 -8.49 -13.52
CA PRO A 130 -53.08 -7.48 -12.76
C PRO A 130 -54.27 -8.13 -12.07
N SER A 131 -54.58 -7.67 -10.85
CA SER A 131 -55.73 -8.15 -10.10
C SER A 131 -57.01 -7.56 -10.68
N SER A 132 -58.12 -8.27 -10.52
CA SER A 132 -59.43 -7.75 -10.93
C SER A 132 -59.68 -6.37 -10.34
N GLU A 133 -59.22 -6.15 -9.10
CA GLU A 133 -59.50 -4.89 -8.43
C GLU A 133 -58.79 -3.74 -9.10
N GLU A 134 -57.52 -3.94 -9.43
CA GLU A 134 -56.75 -2.89 -10.08
C GLU A 134 -57.36 -2.61 -11.45
N LEU A 135 -57.78 -3.67 -12.14
CA LEU A 135 -58.37 -3.55 -13.46
C LEU A 135 -59.69 -2.80 -13.44
N GLN A 136 -60.46 -2.96 -12.36
CA GLN A 136 -61.71 -2.23 -12.19
C GLN A 136 -61.48 -0.76 -11.81
N ALA A 137 -60.26 -0.44 -11.38
CA ALA A 137 -59.86 0.95 -11.18
C ALA A 137 -59.03 1.42 -12.36
N ASN A 138 -59.23 0.78 -13.51
CA ASN A 138 -58.59 1.19 -14.76
C ASN A 138 -57.07 1.32 -14.67
N LYS A 139 -56.44 0.36 -14.03
CA LYS A 139 -55.00 0.32 -13.99
C LYS A 139 -54.52 -1.10 -14.26
N ALA A 140 -53.24 -1.26 -14.54
CA ALA A 140 -52.68 -2.59 -14.64
C ALA A 140 -51.22 -2.52 -14.29
N THR A 141 -50.80 -3.44 -13.43
CA THR A 141 -49.41 -3.54 -13.01
C THR A 141 -49.01 -4.99 -12.88
N LEU A 142 -48.04 -5.39 -13.70
CA LEU A 142 -47.50 -6.74 -13.59
C LEU A 142 -46.45 -6.72 -12.47
N VAL A 143 -46.45 -7.77 -11.65
CA VAL A 143 -45.50 -7.87 -10.58
C VAL A 143 -44.66 -9.13 -10.76
N CYS A 144 -43.34 -8.95 -10.74
CA CYS A 144 -42.41 -10.04 -10.96
C CYS A 144 -41.48 -10.16 -9.75
N LEU A 145 -41.60 -11.25 -9.02
CA LEU A 145 -40.87 -11.42 -7.78
C LEU A 145 -39.79 -12.47 -7.92
N ILE A 146 -38.58 -12.10 -7.51
CA ILE A 146 -37.38 -12.88 -7.76
C ILE A 146 -36.75 -13.29 -6.43
N SER A 147 -36.77 -14.58 -6.16
CA SER A 147 -36.46 -15.08 -4.82
C SER A 147 -35.38 -16.16 -4.78
N ASP A 148 -34.77 -16.31 -3.60
CA ASP A 148 -33.79 -17.35 -3.31
C ASP A 148 -32.60 -17.37 -4.24
N PHE A 149 -32.11 -16.20 -4.62
CA PHE A 149 -30.93 -16.18 -5.47
C PHE A 149 -29.68 -15.77 -4.72
N TYR A 150 -28.53 -16.11 -5.30
CA TYR A 150 -27.24 -15.65 -4.80
C TYR A 150 -26.22 -15.81 -5.91
N PRO A 151 -25.37 -14.79 -6.10
CA PRO A 151 -25.37 -13.56 -5.31
C PRO A 151 -26.50 -12.58 -5.67
N GLY A 152 -26.60 -11.50 -4.89
CA GLY A 152 -27.62 -10.48 -5.07
C GLY A 152 -27.46 -9.50 -6.23
N ALA A 153 -27.49 -10.01 -7.46
CA ALA A 153 -27.47 -9.17 -8.65
C ALA A 153 -28.26 -9.87 -9.73
N VAL A 154 -29.20 -9.16 -10.32
CA VAL A 154 -29.98 -9.70 -11.40
C VAL A 154 -30.31 -8.55 -12.36
N THR A 155 -30.67 -8.91 -13.58
CA THR A 155 -31.19 -7.97 -14.54
C THR A 155 -32.51 -8.50 -15.07
N VAL A 156 -33.47 -7.62 -15.27
CA VAL A 156 -34.79 -8.04 -15.72
C VAL A 156 -35.09 -7.53 -17.13
N ALA A 157 -35.72 -8.38 -17.94
CA ALA A 157 -36.24 -7.92 -19.21
C ALA A 157 -37.71 -8.25 -19.32
N TRP A 158 -38.52 -7.28 -19.74
CA TRP A 158 -39.94 -7.52 -19.97
C TRP A 158 -40.26 -7.60 -21.47
N LYS A 159 -41.00 -8.64 -21.87
CA LYS A 159 -41.48 -8.74 -23.24
C LYS A 159 -42.98 -8.45 -23.29
N ALA A 160 -43.43 -7.84 -24.38
CA ALA A 160 -44.86 -7.79 -24.66
C ALA A 160 -45.10 -8.68 -25.88
N ASP A 161 -45.66 -9.85 -25.65
CA ASP A 161 -45.58 -10.92 -26.62
C ASP A 161 -44.11 -11.30 -26.67
N SER A 162 -43.43 -10.97 -27.78
CA SER A 162 -42.01 -11.28 -27.92
C SER A 162 -41.10 -10.08 -27.72
N SER A 163 -41.57 -8.91 -28.12
CA SER A 163 -40.72 -7.71 -28.13
C SER A 163 -40.49 -7.13 -26.75
N PRO A 164 -39.29 -6.56 -26.55
CA PRO A 164 -39.00 -6.01 -25.22
C PRO A 164 -39.75 -4.71 -24.96
N VAL A 165 -40.11 -4.50 -23.70
CA VAL A 165 -40.68 -3.24 -23.27
C VAL A 165 -39.83 -2.64 -22.14
N LYS A 166 -39.35 -1.41 -22.34
CA LYS A 166 -38.61 -0.69 -21.30
C LYS A 166 -39.50 0.38 -20.67
N ALA A 167 -40.60 0.69 -21.34
CA ALA A 167 -41.56 1.69 -20.85
C ALA A 167 -42.38 1.24 -19.63
N GLY A 168 -42.31 2.01 -18.54
CA GLY A 168 -43.09 1.73 -17.34
C GLY A 168 -42.54 0.60 -16.48
N VAL A 169 -41.23 0.40 -16.54
CA VAL A 169 -40.58 -0.68 -15.79
C VAL A 169 -39.88 -0.08 -14.57
N GLU A 170 -39.98 -0.76 -13.44
CA GLU A 170 -39.29 -0.32 -12.25
C GLU A 170 -38.84 -1.53 -11.48
N THR A 171 -37.61 -1.49 -10.99
CA THR A 171 -36.98 -2.65 -10.38
C THR A 171 -36.16 -2.30 -9.16
N THR A 172 -36.46 -2.97 -8.04
CA THR A 172 -35.74 -2.73 -6.80
C THR A 172 -34.33 -3.35 -6.81
N THR A 173 -33.44 -2.82 -5.97
CA THR A 173 -32.14 -3.43 -5.75
C THR A 173 -32.43 -4.61 -4.85
N PRO A 174 -31.69 -5.72 -5.04
CA PRO A 174 -31.95 -6.94 -4.25
C PRO A 174 -31.64 -6.79 -2.76
N SER A 175 -32.49 -7.34 -1.90
CA SER A 175 -32.26 -7.31 -0.45
C SER A 175 -32.29 -8.71 0.15
N LYS A 176 -31.72 -8.84 1.34
CA LYS A 176 -31.61 -10.16 1.94
C LYS A 176 -32.96 -10.68 2.44
N GLN A 177 -33.12 -12.00 2.34
CA GLN A 177 -34.29 -12.67 2.90
C GLN A 177 -33.87 -13.25 4.24
N SER A 178 -34.85 -13.75 5.00
CA SER A 178 -34.57 -14.38 6.29
C SER A 178 -33.54 -15.49 6.14
N ASN A 179 -33.67 -16.27 5.06
CA ASN A 179 -32.81 -17.42 4.83
C ASN A 179 -31.42 -17.03 4.30
N ASN A 180 -31.20 -15.73 4.14
CA ASN A 180 -29.92 -15.16 3.75
C ASN A 180 -29.56 -15.22 2.26
N LYS A 181 -30.53 -15.58 1.42
CA LYS A 181 -30.37 -15.43 -0.01
C LYS A 181 -31.10 -14.14 -0.36
N TYR A 182 -30.88 -13.61 -1.56
CA TYR A 182 -31.46 -12.32 -1.90
C TYR A 182 -32.80 -12.45 -2.63
N ALA A 183 -33.48 -11.32 -2.77
CA ALA A 183 -34.73 -11.23 -3.51
C ALA A 183 -34.90 -9.83 -4.10
N ALA A 184 -35.58 -9.74 -5.23
CA ALA A 184 -35.89 -8.45 -5.83
C ALA A 184 -37.30 -8.48 -6.39
N SER A 185 -37.72 -7.35 -6.94
CA SER A 185 -39.01 -7.27 -7.61
C SER A 185 -38.95 -6.27 -8.75
N SER A 186 -39.72 -6.53 -9.80
CA SER A 186 -39.79 -5.63 -10.96
C SER A 186 -41.26 -5.41 -11.35
N TYR A 187 -41.57 -4.18 -11.73
CA TYR A 187 -42.94 -3.78 -12.04
C TYR A 187 -43.05 -3.22 -13.45
N LEU A 188 -44.12 -3.62 -14.14
CA LEU A 188 -44.48 -3.03 -15.42
C LEU A 188 -45.87 -2.42 -15.36
N SER A 189 -45.94 -1.12 -15.62
CA SER A 189 -47.22 -0.45 -15.63
C SER A 189 -47.78 -0.47 -17.02
N LEU A 190 -49.01 -0.97 -17.11
CA LEU A 190 -49.75 -1.06 -18.37
C LEU A 190 -51.15 -0.49 -18.23
N THR A 191 -51.72 -0.08 -19.36
CA THR A 191 -53.12 0.29 -19.41
C THR A 191 -53.90 -1.00 -19.35
N PRO A 192 -55.15 -0.96 -18.87
CA PRO A 192 -55.99 -2.13 -19.08
C PRO A 192 -56.09 -2.49 -20.57
N GLU A 193 -55.91 -1.51 -21.45
CA GLU A 193 -55.99 -1.75 -22.90
C GLU A 193 -54.82 -2.55 -23.44
N GLN A 194 -53.60 -2.20 -22.99
CA GLN A 194 -52.41 -2.93 -23.39
C GLN A 194 -52.46 -4.35 -22.83
N TRP A 195 -52.85 -4.47 -21.57
CA TRP A 195 -52.99 -5.77 -20.95
C TRP A 195 -53.92 -6.72 -21.73
N LYS A 196 -55.16 -6.29 -21.93
CA LYS A 196 -56.17 -7.11 -22.57
C LYS A 196 -55.79 -7.44 -24.01
N SER A 197 -54.92 -6.62 -24.60
CA SER A 197 -54.66 -6.72 -26.02
C SER A 197 -53.41 -7.48 -26.47
N HIS A 198 -52.63 -8.01 -25.53
CA HIS A 198 -51.54 -8.85 -25.96
C HIS A 198 -51.87 -10.33 -25.76
N LYS A 199 -51.23 -11.18 -26.56
CA LYS A 199 -51.35 -12.60 -26.30
C LYS A 199 -50.81 -12.86 -24.92
N SER A 200 -49.81 -12.10 -24.50
CA SER A 200 -49.14 -12.34 -23.22
C SER A 200 -48.07 -11.33 -22.90
N TYR A 201 -47.60 -11.39 -21.65
CA TYR A 201 -46.43 -10.66 -21.21
C TYR A 201 -45.45 -11.60 -20.53
N SER A 202 -44.17 -11.23 -20.56
CA SER A 202 -43.14 -12.02 -19.91
C SER A 202 -42.13 -11.20 -19.15
N CYS A 203 -41.72 -11.71 -18.00
CA CYS A 203 -40.64 -11.13 -17.23
C CYS A 203 -39.52 -12.14 -17.29
N GLN A 204 -38.40 -11.73 -17.88
CA GLN A 204 -37.24 -12.60 -17.96
C GLN A 204 -36.15 -12.08 -17.05
N VAL A 205 -35.71 -12.91 -16.12
CA VAL A 205 -34.68 -12.49 -15.17
C VAL A 205 -33.36 -13.14 -15.51
N THR A 206 -32.28 -12.38 -15.51
CA THR A 206 -30.95 -12.98 -15.76
C THR A 206 -30.06 -12.92 -14.51
N HIS A 207 -29.58 -14.08 -14.08
CA HIS A 207 -28.72 -14.16 -12.88
C HIS A 207 -27.47 -14.94 -13.18
N GLU A 208 -26.33 -14.25 -13.24
CA GLU A 208 -25.07 -14.92 -13.56
C GLU A 208 -25.08 -15.56 -14.95
N GLY A 209 -25.65 -14.87 -15.95
CA GLY A 209 -25.65 -15.38 -17.30
C GLY A 209 -26.77 -16.34 -17.66
N SER A 210 -27.36 -16.96 -16.62
CA SER A 210 -28.51 -17.85 -16.76
C SER A 210 -29.83 -17.11 -16.67
N THR A 211 -30.78 -17.47 -17.51
CA THR A 211 -32.11 -16.88 -17.43
C THR A 211 -33.19 -17.79 -16.81
N VAL A 212 -34.18 -17.14 -16.19
CA VAL A 212 -35.42 -17.77 -15.77
C VAL A 212 -36.54 -16.81 -16.14
N GLU A 213 -37.58 -17.29 -16.81
CA GLU A 213 -38.68 -16.43 -17.20
C GLU A 213 -40.05 -17.03 -16.92
N LYS A 214 -40.99 -16.17 -16.53
CA LYS A 214 -42.40 -16.56 -16.44
C LYS A 214 -43.21 -15.79 -17.44
N THR A 215 -44.29 -16.39 -17.90
CA THR A 215 -45.19 -15.76 -18.86
C THR A 215 -46.61 -15.73 -18.28
N VAL A 216 -47.34 -14.66 -18.53
CA VAL A 216 -48.75 -14.63 -18.14
C VAL A 216 -49.65 -14.08 -19.25
N ALA A 217 -50.95 -14.26 -19.08
CA ALA A 217 -51.90 -13.87 -20.12
C ALA A 217 -53.22 -13.42 -19.50
N PRO A 218 -53.99 -12.61 -20.25
CA PRO A 218 -55.28 -12.13 -19.75
C PRO A 218 -56.28 -13.26 -19.40
N THR A 219 -57.12 -13.00 -18.40
CA THR A 219 -58.18 -13.93 -18.02
C THR A 219 -59.52 -13.56 -18.63
N GLU B 1 -15.64 12.35 21.40
CA GLU B 1 -16.62 12.48 20.34
C GLU B 1 -16.47 13.79 19.54
N VAL B 2 -15.47 13.80 18.67
CA VAL B 2 -15.43 14.73 17.55
C VAL B 2 -16.59 14.34 16.66
N GLN B 3 -17.38 15.30 16.17
CA GLN B 3 -18.46 14.93 15.25
C GLN B 3 -19.17 16.07 14.53
N LEU B 4 -19.91 15.70 13.48
CA LEU B 4 -20.77 16.62 12.73
C LEU B 4 -22.24 16.18 12.77
N VAL B 5 -23.10 17.07 13.25
CA VAL B 5 -24.53 16.76 13.33
C VAL B 5 -25.32 17.64 12.37
N GLU B 6 -25.95 17.03 11.38
CA GLU B 6 -26.76 17.80 10.43
C GLU B 6 -28.25 17.83 10.78
N SER B 7 -28.99 18.73 10.14
CA SER B 7 -30.42 18.88 10.39
C SER B 7 -31.26 17.81 9.73
N GLY B 8 -32.52 17.72 10.17
CA GLY B 8 -33.44 16.68 9.75
C GLY B 8 -33.72 16.65 8.25
N GLY B 9 -34.05 15.46 7.76
CA GLY B 9 -34.49 15.31 6.39
C GLY B 9 -35.82 16.02 6.19
N GLU B 10 -36.09 16.45 4.95
CA GLU B 10 -37.27 17.25 4.68
C GLU B 10 -37.78 16.99 3.29
N VAL B 11 -39.08 17.17 3.12
CA VAL B 11 -39.69 17.14 1.81
C VAL B 11 -40.05 18.55 1.37
N LYS B 12 -39.69 18.91 0.13
CA LYS B 12 -39.96 20.27 -0.35
C LYS B 12 -40.66 20.24 -1.72
N GLN B 13 -41.50 21.24 -1.96
CA GLN B 13 -42.06 21.44 -3.29
C GLN B 13 -41.01 22.16 -4.11
N PRO B 14 -41.04 21.98 -5.43
CA PRO B 14 -40.12 22.82 -6.20
C PRO B 14 -40.52 24.30 -6.09
N GLY B 15 -39.56 25.19 -6.26
CA GLY B 15 -39.84 26.60 -6.18
C GLY B 15 -39.51 27.14 -4.82
N GLN B 16 -39.66 26.31 -3.79
CA GLN B 16 -39.38 26.74 -2.42
C GLN B 16 -37.90 27.01 -2.17
N SER B 17 -37.62 27.78 -1.13
CA SER B 17 -36.25 28.00 -0.70
C SER B 17 -35.89 26.92 0.31
N LEU B 18 -34.61 26.81 0.68
CA LEU B 18 -34.17 25.78 1.63
C LEU B 18 -32.81 26.07 2.27
N LYS B 19 -32.69 25.63 3.53
CA LYS B 19 -31.48 25.81 4.30
C LYS B 19 -31.28 24.64 5.25
N ILE B 20 -30.28 23.83 4.96
CA ILE B 20 -29.90 22.78 5.87
C ILE B 20 -28.61 23.21 6.57
N SER B 21 -28.42 22.72 7.78
CA SER B 21 -27.24 23.06 8.57
C SER B 21 -26.42 21.82 8.96
N CYS B 22 -25.23 22.10 9.49
CA CYS B 22 -24.29 21.09 9.93
C CYS B 22 -23.53 21.61 11.17
N LYS B 23 -23.76 20.98 12.32
CA LYS B 23 -23.21 21.49 13.58
C LYS B 23 -21.94 20.77 14.06
N SER B 24 -20.96 21.53 14.51
CA SER B 24 -19.64 20.99 14.85
C SER B 24 -19.36 20.98 16.37
N SER B 25 -18.69 19.93 16.86
CA SER B 25 -18.17 19.90 18.23
C SER B 25 -16.89 19.07 18.32
N GLY B 26 -16.20 19.12 19.45
CA GLY B 26 -15.04 18.24 19.69
C GLY B 26 -13.69 18.66 19.11
N TYR B 27 -13.67 19.71 18.31
CA TYR B 27 -12.41 20.21 17.77
C TYR B 27 -12.59 21.68 17.45
N ASN B 28 -11.53 22.33 16.97
CA ASN B 28 -11.62 23.75 16.69
C ASN B 28 -12.23 24.08 15.34
N PHE B 29 -13.49 24.54 15.39
CA PHE B 29 -14.32 24.73 14.21
C PHE B 29 -13.71 25.65 13.15
N LEU B 30 -13.15 26.78 13.56
CA LEU B 30 -12.70 27.78 12.58
C LEU B 30 -11.53 27.31 11.73
N ASP B 31 -10.88 26.24 12.15
CA ASP B 31 -9.56 25.93 11.60
C ASP B 31 -9.50 24.87 10.54
N SER B 32 -10.60 24.14 10.31
CA SER B 32 -10.63 23.11 9.25
C SER B 32 -11.71 23.39 8.22
N TRP B 33 -11.44 23.02 6.98
CA TRP B 33 -12.40 23.19 5.91
C TRP B 33 -13.62 22.30 6.12
N ILE B 34 -14.77 22.79 5.68
CA ILE B 34 -15.96 21.97 5.62
C ILE B 34 -16.29 21.78 4.17
N GLY B 35 -16.55 20.54 3.79
CA GLY B 35 -16.98 20.27 2.43
C GLY B 35 -18.43 19.83 2.46
N TRP B 36 -19.08 19.90 1.30
CA TRP B 36 -20.43 19.36 1.14
C TRP B 36 -20.47 18.40 -0.07
N VAL B 37 -21.16 17.29 0.15
CA VAL B 37 -21.24 16.22 -0.81
C VAL B 37 -22.71 15.76 -0.92
N ARG B 38 -23.17 15.49 -2.13
CA ARG B 38 -24.52 14.99 -2.31
C ARG B 38 -24.52 13.54 -2.80
N GLN B 39 -25.51 12.77 -2.37
CA GLN B 39 -25.66 11.43 -2.91
C GLN B 39 -27.10 11.10 -3.25
N ILE B 40 -27.37 10.98 -4.54
CA ILE B 40 -28.68 10.53 -4.98
C ILE B 40 -28.83 9.07 -4.56
N PRO B 41 -30.01 8.69 -4.08
CA PRO B 41 -30.21 7.28 -3.70
C PRO B 41 -29.76 6.26 -4.78
N GLY B 42 -28.87 5.36 -4.37
CA GLY B 42 -28.36 4.34 -5.28
C GLY B 42 -27.18 4.78 -6.13
N LYS B 43 -26.83 6.08 -6.05
CA LYS B 43 -25.75 6.67 -6.86
C LYS B 43 -24.46 6.97 -6.10
N GLY B 44 -23.45 7.46 -6.81
CA GLY B 44 -22.13 7.73 -6.25
C GLY B 44 -22.02 8.98 -5.39
N LEU B 45 -20.80 9.43 -5.13
CA LEU B 45 -20.58 10.65 -4.35
C LEU B 45 -20.22 11.85 -5.23
N GLU B 46 -20.91 12.97 -4.99
CA GLU B 46 -20.79 14.20 -5.76
C GLU B 46 -20.33 15.38 -4.89
N TRP B 47 -19.22 15.99 -5.25
CA TRP B 47 -18.72 17.14 -4.50
C TRP B 47 -19.52 18.43 -4.76
N ILE B 48 -19.93 19.11 -3.69
CA ILE B 48 -20.64 20.38 -3.81
C ILE B 48 -19.65 21.52 -3.65
N GLY B 49 -18.91 21.52 -2.56
CA GLY B 49 -17.89 22.53 -2.35
C GLY B 49 -17.19 22.41 -1.02
N ILE B 50 -16.30 23.34 -0.75
CA ILE B 50 -15.68 23.45 0.54
C ILE B 50 -15.65 24.90 1.00
N ILE B 51 -15.68 25.09 2.32
CA ILE B 51 -15.66 26.42 2.90
C ILE B 51 -14.76 26.46 4.12
N TYR B 52 -14.01 27.54 4.25
CA TYR B 52 -13.15 27.71 5.40
C TYR B 52 -13.90 28.50 6.46
N PRO B 53 -14.17 27.88 7.61
CA PRO B 53 -15.01 28.56 8.59
C PRO B 53 -14.44 29.91 9.06
N ASP B 54 -13.10 30.00 9.21
CA ASP B 54 -12.49 31.20 9.76
C ASP B 54 -12.66 32.47 8.93
N ASP B 55 -12.72 32.32 7.59
CA ASP B 55 -12.74 33.46 6.67
C ASP B 55 -13.78 33.37 5.54
N SER B 56 -14.54 32.28 5.50
CA SER B 56 -15.57 32.05 4.49
C SER B 56 -15.02 31.96 3.08
N ASP B 57 -13.73 31.67 2.96
CA ASP B 57 -13.14 31.43 1.65
C ASP B 57 -13.82 30.17 1.18
N ALA B 58 -14.24 30.14 -0.08
CA ALA B 58 -15.07 29.04 -0.56
C ALA B 58 -14.69 28.58 -1.95
N HIS B 59 -14.77 27.27 -2.16
CA HIS B 59 -14.54 26.66 -3.46
C HIS B 59 -15.74 25.83 -3.84
N TYR B 60 -16.23 26.01 -5.06
CA TYR B 60 -17.46 25.37 -5.51
C TYR B 60 -17.18 24.56 -6.74
N SER B 61 -17.88 23.45 -6.89
CA SER B 61 -17.81 22.69 -8.12
C SER B 61 -18.69 23.38 -9.16
N PRO B 62 -18.26 23.36 -10.42
CA PRO B 62 -18.91 24.07 -11.53
C PRO B 62 -20.42 23.84 -11.55
N SER B 63 -20.82 22.58 -11.58
CA SER B 63 -22.24 22.24 -11.68
C SER B 63 -23.09 22.58 -10.44
N PHE B 64 -22.50 23.14 -9.39
CA PHE B 64 -23.28 23.58 -8.24
C PHE B 64 -23.25 25.09 -8.07
N GLU B 65 -22.10 25.68 -8.38
CA GLU B 65 -21.88 27.10 -8.30
C GLU B 65 -23.10 27.90 -8.78
N GLY B 66 -23.42 28.97 -8.06
CA GLY B 66 -24.50 29.87 -8.45
C GLY B 66 -25.88 29.26 -8.30
N GLN B 67 -25.93 28.03 -7.81
CA GLN B 67 -27.19 27.34 -7.55
C GLN B 67 -27.39 27.14 -6.04
N VAL B 68 -26.28 27.12 -5.31
CA VAL B 68 -26.28 26.80 -3.90
C VAL B 68 -25.25 27.67 -3.18
N THR B 69 -25.57 28.06 -1.96
CA THR B 69 -24.70 28.90 -1.18
C THR B 69 -24.18 28.16 0.06
N MET B 70 -22.86 28.16 0.24
CA MET B 70 -22.29 27.75 1.52
C MET B 70 -22.11 28.96 2.41
N SER B 71 -22.32 28.77 3.72
CA SER B 71 -22.03 29.81 4.68
C SER B 71 -21.75 29.18 6.06
N VAL B 72 -21.14 29.94 6.95
CA VAL B 72 -20.89 29.45 8.29
C VAL B 72 -21.28 30.53 9.27
N ASP B 73 -21.73 30.13 10.46
CA ASP B 73 -21.91 31.02 11.60
C ASP B 73 -20.88 30.56 12.61
N LYS B 74 -19.89 31.40 12.89
CA LYS B 74 -18.75 31.00 13.70
C LYS B 74 -19.11 30.90 15.18
N SER B 75 -20.09 31.71 15.59
CA SER B 75 -20.44 31.81 16.99
C SER B 75 -21.16 30.57 17.46
N ILE B 76 -21.61 29.73 16.52
CA ILE B 76 -22.33 28.51 16.88
C ILE B 76 -21.84 27.27 16.14
N SER B 77 -20.57 27.30 15.75
CA SER B 77 -19.93 26.15 15.13
C SER B 77 -20.88 25.45 14.17
N THR B 78 -21.42 26.24 13.24
CA THR B 78 -22.48 25.79 12.36
C THR B 78 -22.23 26.19 10.92
N ALA B 79 -22.26 25.20 10.02
CA ALA B 79 -22.14 25.46 8.58
C ALA B 79 -23.47 25.26 7.85
N TYR B 80 -23.70 26.06 6.81
CA TYR B 80 -24.98 26.08 6.11
C TYR B 80 -24.87 25.83 4.60
N LEU B 81 -25.92 25.23 4.05
CA LEU B 81 -26.05 25.05 2.62
C LEU B 81 -27.43 25.55 2.26
N GLN B 82 -27.53 26.46 1.30
CA GLN B 82 -28.85 26.95 1.02
C GLN B 82 -29.21 27.25 -0.42
N TRP B 83 -30.46 26.95 -0.71
CA TRP B 83 -31.05 27.07 -2.03
C TRP B 83 -32.03 28.21 -1.96
N THR B 84 -31.94 29.16 -2.89
CA THR B 84 -32.96 30.20 -2.96
C THR B 84 -34.23 29.63 -3.61
N THR B 85 -34.03 28.79 -4.64
CA THR B 85 -35.13 28.13 -5.35
C THR B 85 -34.83 26.65 -5.68
N LEU B 86 -35.69 25.76 -5.20
CA LEU B 86 -35.41 24.32 -5.29
C LEU B 86 -35.90 23.69 -6.58
N GLN B 87 -35.12 22.73 -7.07
CA GLN B 87 -35.50 21.94 -8.24
C GLN B 87 -35.58 20.48 -7.84
N ALA B 88 -36.22 19.68 -8.69
CA ALA B 88 -36.41 18.27 -8.43
C ALA B 88 -35.05 17.59 -8.52
N SER B 89 -34.21 18.08 -9.42
CA SER B 89 -32.86 17.55 -9.57
C SER B 89 -31.98 17.81 -8.33
N ASP B 90 -32.48 18.63 -7.39
CA ASP B 90 -31.80 18.90 -6.11
C ASP B 90 -31.99 17.79 -5.07
N THR B 91 -32.72 16.75 -5.45
CA THR B 91 -32.93 15.60 -4.57
C THR B 91 -31.64 14.85 -4.20
N GLY B 92 -31.61 14.38 -2.96
CA GLY B 92 -30.50 13.58 -2.47
C GLY B 92 -30.31 13.64 -0.96
N LYS B 93 -29.32 12.91 -0.48
CA LYS B 93 -28.91 12.96 0.92
C LYS B 93 -27.65 13.79 0.95
N TYR B 94 -27.65 14.84 1.75
CA TYR B 94 -26.53 15.77 1.74
C TYR B 94 -25.60 15.52 2.91
N PHE B 95 -24.32 15.38 2.63
CA PHE B 95 -23.34 15.18 3.67
C PHE B 95 -22.49 16.45 3.89
N CYS B 96 -22.30 16.83 5.14
CA CYS B 96 -21.22 17.77 5.44
C CYS B 96 -20.05 16.94 5.95
N THR B 97 -18.84 17.48 5.84
CA THR B 97 -17.65 16.70 6.17
C THR B 97 -16.46 17.60 6.47
N ARG B 98 -15.58 17.12 7.33
CA ARG B 98 -14.42 17.92 7.76
C ARG B 98 -13.15 17.51 7.02
N LEU B 99 -12.58 18.42 6.25
CA LEU B 99 -11.28 18.14 5.63
C LEU B 99 -10.20 18.33 6.67
N TYR B 100 -9.49 17.27 6.99
CA TYR B 100 -8.48 17.34 8.02
C TYR B 100 -7.10 17.52 7.41
N LEU B 101 -6.32 18.45 7.97
CA LEU B 101 -4.92 18.64 7.56
C LEU B 101 -4.01 17.72 8.36
N PHE B 102 -3.61 16.60 7.74
CA PHE B 102 -2.68 15.68 8.38
C PHE B 102 -1.28 16.22 8.16
N GLU B 103 -0.40 16.04 9.14
CA GLU B 103 0.93 16.64 9.03
C GLU B 103 2.08 15.61 8.99
N GLY B 104 3.20 16.04 8.43
CA GLY B 104 4.41 15.24 8.29
C GLY B 104 5.38 15.97 7.38
N ALA B 105 6.49 15.34 7.03
CA ALA B 105 7.47 15.99 6.18
C ALA B 105 6.90 15.96 4.77
N GLN B 106 5.59 15.74 4.72
CA GLN B 106 4.82 15.70 3.49
C GLN B 106 3.38 15.77 3.94
N SER B 107 2.84 16.97 4.13
CA SER B 107 1.52 17.11 4.70
C SER B 107 0.46 16.84 3.66
N SER B 108 -0.77 16.72 4.12
CA SER B 108 -1.91 16.61 3.20
C SER B 108 -3.25 16.57 3.93
N ASN B 109 -4.29 16.22 3.20
CA ASN B 109 -5.65 16.39 3.68
C ASN B 109 -6.58 15.26 3.27
N ALA B 110 -7.46 14.85 4.17
CA ALA B 110 -8.56 13.97 3.78
C ALA B 110 -9.80 14.18 4.65
N PHE B 111 -10.97 13.84 4.11
CA PHE B 111 -12.22 14.00 4.85
C PHE B 111 -12.42 12.90 5.88
N ASP B 112 -12.00 13.17 7.11
CA ASP B 112 -11.99 12.14 8.16
C ASP B 112 -13.23 12.09 9.06
N LEU B 113 -14.12 13.08 8.88
CA LEU B 113 -15.28 13.21 9.73
C LEU B 113 -16.46 13.36 8.81
N TRP B 114 -17.56 12.70 9.13
CA TRP B 114 -18.75 12.86 8.31
C TRP B 114 -20.00 12.96 9.15
N GLY B 115 -20.77 14.03 8.92
CA GLY B 115 -22.12 14.13 9.42
C GLY B 115 -22.91 12.93 8.95
N GLN B 116 -24.15 12.78 9.43
CA GLN B 116 -24.94 11.59 9.16
C GLN B 116 -25.75 11.72 7.88
N GLY B 117 -25.70 12.91 7.27
CA GLY B 117 -26.45 13.19 6.05
C GLY B 117 -27.80 13.83 6.35
N THR B 118 -28.27 14.65 5.41
CA THR B 118 -29.59 15.24 5.52
C THR B 118 -30.34 14.89 4.24
N MET B 119 -31.42 14.13 4.39
N MET B 119 -31.40 14.10 4.37
CA MET B 119 -32.20 13.66 3.26
CA MET B 119 -32.11 13.63 3.19
C MET B 119 -33.09 14.78 2.76
C MET B 119 -33.12 14.67 2.73
N ILE B 120 -32.93 15.13 1.49
CA ILE B 120 -33.71 16.20 0.92
C ILE B 120 -34.42 15.67 -0.31
N LEU B 121 -35.74 15.58 -0.21
CA LEU B 121 -36.54 15.05 -1.31
C LEU B 121 -37.35 16.18 -1.89
N VAL B 122 -37.08 16.55 -3.14
CA VAL B 122 -37.86 17.60 -3.81
C VAL B 122 -38.86 16.98 -4.74
N SER B 123 -40.13 17.37 -4.59
CA SER B 123 -41.19 16.75 -5.35
C SER B 123 -42.49 17.52 -5.28
N SER B 124 -43.20 17.51 -6.39
CA SER B 124 -44.52 18.13 -6.51
C SER B 124 -45.59 17.23 -5.92
N GLY B 125 -45.25 15.98 -5.65
CA GLY B 125 -46.22 14.96 -5.28
C GLY B 125 -47.01 15.31 -4.04
N THR B 126 -48.30 14.99 -4.03
CA THR B 126 -49.09 15.26 -2.84
C THR B 126 -49.01 14.09 -1.89
N THR B 127 -49.31 14.34 -0.62
CA THR B 127 -49.21 13.34 0.42
C THR B 127 -50.45 12.46 0.40
N LYS B 128 -50.27 11.13 0.37
CA LYS B 128 -51.43 10.26 0.31
C LYS B 128 -51.18 8.76 0.47
N GLY B 129 -52.22 8.10 0.97
CA GLY B 129 -52.22 6.66 1.18
C GLY B 129 -52.25 5.84 -0.10
N PRO B 130 -51.93 4.56 0.00
CA PRO B 130 -51.78 3.75 -1.20
C PRO B 130 -53.06 2.98 -1.51
N SER B 131 -53.22 2.64 -2.79
CA SER B 131 -54.25 1.69 -3.18
C SER B 131 -53.61 0.32 -3.01
N VAL B 132 -54.37 -0.63 -2.51
CA VAL B 132 -53.80 -1.94 -2.27
C VAL B 132 -54.57 -3.00 -3.03
N PHE B 133 -53.84 -3.93 -3.65
CA PHE B 133 -54.41 -4.96 -4.50
C PHE B 133 -53.83 -6.32 -4.18
N PRO B 134 -54.70 -7.33 -4.17
CA PRO B 134 -54.27 -8.66 -3.78
C PRO B 134 -53.43 -9.28 -4.88
N LEU B 135 -52.41 -10.05 -4.51
CA LEU B 135 -51.64 -10.85 -5.46
C LEU B 135 -51.90 -12.33 -5.21
N ALA B 136 -52.95 -12.85 -5.84
CA ALA B 136 -53.48 -14.17 -5.52
C ALA B 136 -52.54 -15.36 -5.75
N PRO B 137 -52.53 -16.30 -4.79
CA PRO B 137 -51.70 -17.51 -4.74
C PRO B 137 -51.29 -18.03 -6.11
N SER B 138 -49.98 -18.19 -6.32
CA SER B 138 -49.41 -18.49 -7.61
C SER B 138 -48.36 -19.60 -7.53
N SER B 139 -47.93 -20.05 -8.71
CA SER B 139 -46.96 -21.14 -8.90
C SER B 139 -47.58 -22.26 -9.74
N GLY B 145 -43.97 -27.17 -3.27
CA GLY B 145 -45.06 -26.21 -3.13
C GLY B 145 -45.65 -26.13 -1.72
N THR B 146 -45.48 -25.00 -1.02
CA THR B 146 -44.90 -23.73 -1.52
C THR B 146 -45.58 -23.03 -2.69
N ALA B 147 -46.33 -21.99 -2.36
CA ALA B 147 -46.93 -21.08 -3.32
C ALA B 147 -46.68 -19.67 -2.81
N ALA B 148 -46.68 -18.69 -3.71
CA ALA B 148 -46.50 -17.31 -3.29
C ALA B 148 -47.78 -16.51 -3.43
N LEU B 149 -48.03 -15.64 -2.46
CA LEU B 149 -49.14 -14.70 -2.48
C LEU B 149 -48.60 -13.45 -1.85
N GLY B 150 -49.28 -12.32 -2.05
CA GLY B 150 -48.83 -11.09 -1.44
C GLY B 150 -49.78 -9.94 -1.71
N CYS B 151 -49.31 -8.73 -1.38
CA CYS B 151 -50.06 -7.50 -1.64
C CYS B 151 -49.24 -6.53 -2.46
N LEU B 152 -49.88 -5.88 -3.42
CA LEU B 152 -49.24 -4.78 -4.14
C LEU B 152 -49.74 -3.49 -3.51
N VAL B 153 -48.79 -2.68 -3.02
CA VAL B 153 -49.13 -1.44 -2.36
C VAL B 153 -48.81 -0.28 -3.29
N LYS B 154 -49.83 0.20 -3.96
CA LYS B 154 -49.61 1.07 -5.09
C LYS B 154 -49.89 2.55 -4.79
N ASP B 155 -48.88 3.38 -5.06
CA ASP B 155 -49.13 4.81 -5.24
C ASP B 155 -49.31 5.62 -3.95
N TYR B 156 -48.41 5.45 -3.00
CA TYR B 156 -48.45 6.30 -1.83
C TYR B 156 -47.34 7.32 -1.92
N PHE B 157 -47.38 8.28 -1.01
CA PHE B 157 -46.36 9.32 -0.86
C PHE B 157 -46.62 9.99 0.48
N PRO B 158 -45.55 10.27 1.22
CA PRO B 158 -44.20 9.86 0.87
C PRO B 158 -43.92 8.56 1.61
N GLU B 159 -42.69 8.06 1.52
CA GLU B 159 -42.35 6.86 2.27
C GLU B 159 -42.29 7.21 3.74
N PRO B 160 -42.43 6.21 4.61
CA PRO B 160 -42.64 4.80 4.24
C PRO B 160 -44.07 4.37 4.53
N VAL B 161 -44.34 3.10 4.22
CA VAL B 161 -45.53 2.41 4.67
C VAL B 161 -45.10 1.14 5.37
N THR B 162 -45.92 0.68 6.31
CA THR B 162 -45.62 -0.54 7.02
C THR B 162 -46.70 -1.54 6.66
N VAL B 163 -46.32 -2.80 6.59
CA VAL B 163 -47.20 -3.85 6.12
C VAL B 163 -47.10 -4.99 7.10
N SER B 164 -48.24 -5.48 7.54
CA SER B 164 -48.27 -6.63 8.42
C SER B 164 -49.02 -7.79 7.76
N TRP B 165 -49.11 -8.93 8.44
CA TRP B 165 -49.91 -10.05 7.94
C TRP B 165 -50.74 -10.74 9.00
N ASN B 166 -52.06 -10.72 8.79
CA ASN B 166 -52.96 -11.27 9.78
C ASN B 166 -52.78 -10.47 11.06
N SER B 167 -52.67 -9.16 10.89
CA SER B 167 -52.49 -8.23 12.00
C SER B 167 -51.13 -8.35 12.70
N GLY B 168 -50.28 -9.24 12.20
CA GLY B 168 -48.97 -9.43 12.76
C GLY B 168 -48.84 -10.82 13.36
N ALA B 169 -49.95 -11.57 13.33
CA ALA B 169 -49.93 -12.96 13.75
C ALA B 169 -49.01 -13.75 12.83
N LEU B 170 -48.99 -13.39 11.55
CA LEU B 170 -48.24 -14.12 10.53
C LEU B 170 -46.98 -13.36 10.13
N THR B 171 -45.83 -13.94 10.45
CA THR B 171 -44.53 -13.34 10.22
C THR B 171 -43.57 -14.27 9.48
N SER B 172 -43.84 -15.58 9.52
CA SER B 172 -42.98 -16.55 8.86
C SER B 172 -43.25 -16.67 7.36
N GLY B 173 -42.20 -16.49 6.57
CA GLY B 173 -42.31 -16.62 5.14
C GLY B 173 -42.70 -15.32 4.48
N VAL B 174 -42.57 -14.23 5.22
CA VAL B 174 -42.91 -12.92 4.70
C VAL B 174 -41.68 -12.11 4.29
N HIS B 175 -41.73 -11.60 3.06
CA HIS B 175 -40.75 -10.64 2.59
C HIS B 175 -41.46 -9.42 1.98
N THR B 176 -41.30 -8.29 2.64
CA THR B 176 -41.80 -7.04 2.14
C THR B 176 -40.66 -6.34 1.40
N PHE B 177 -40.85 -6.07 0.11
CA PHE B 177 -39.79 -5.47 -0.66
C PHE B 177 -39.60 -4.00 -0.37
N PRO B 178 -38.42 -3.47 -0.72
CA PRO B 178 -38.26 -2.00 -0.72
C PRO B 178 -39.18 -1.37 -1.76
N ALA B 179 -39.25 -0.05 -1.80
CA ALA B 179 -40.23 0.61 -2.63
C ALA B 179 -39.59 1.07 -3.92
N VAL B 180 -40.40 1.15 -4.98
CA VAL B 180 -39.97 1.75 -6.22
C VAL B 180 -40.63 3.13 -6.35
N LEU B 181 -39.86 4.11 -6.77
CA LEU B 181 -40.45 5.37 -7.19
C LEU B 181 -40.89 5.21 -8.63
N GLN B 182 -42.18 5.42 -8.88
CA GLN B 182 -42.72 5.36 -10.23
C GLN B 182 -42.49 6.70 -10.93
N SER B 183 -42.57 6.70 -12.26
CA SER B 183 -42.43 7.95 -13.01
C SER B 183 -43.36 9.07 -12.47
N SER B 184 -44.55 8.67 -12.03
CA SER B 184 -45.56 9.61 -11.53
C SER B 184 -45.10 10.34 -10.27
N GLY B 185 -44.01 9.86 -9.69
CA GLY B 185 -43.49 10.46 -8.48
C GLY B 185 -44.07 9.86 -7.22
N LEU B 186 -44.87 8.80 -7.39
CA LEU B 186 -45.42 8.06 -6.25
C LEU B 186 -44.80 6.68 -6.13
N TYR B 187 -44.80 6.15 -4.91
CA TYR B 187 -44.14 4.90 -4.64
C TYR B 187 -45.08 3.72 -4.66
N SER B 188 -44.53 2.54 -4.89
CA SER B 188 -45.27 1.34 -4.59
C SER B 188 -44.31 0.19 -4.28
N LEU B 189 -44.76 -0.75 -3.46
CA LEU B 189 -43.97 -1.93 -3.11
C LEU B 189 -44.88 -3.14 -3.06
N SER B 190 -44.30 -4.28 -2.74
CA SER B 190 -45.09 -5.49 -2.53
C SER B 190 -44.57 -6.23 -1.32
N SER B 191 -45.48 -6.91 -0.61
CA SER B 191 -45.10 -7.85 0.42
C SER B 191 -45.60 -9.20 0.00
N VAL B 192 -44.75 -10.22 0.14
CA VAL B 192 -45.11 -11.56 -0.31
C VAL B 192 -44.95 -12.62 0.76
N VAL B 193 -45.84 -13.61 0.70
CA VAL B 193 -45.82 -14.70 1.67
C VAL B 193 -45.65 -16.03 0.96
N THR B 194 -44.71 -16.83 1.46
CA THR B 194 -44.51 -18.17 0.93
C THR B 194 -45.10 -19.24 1.84
N VAL B 195 -45.92 -20.11 1.26
CA VAL B 195 -46.67 -21.09 2.05
C VAL B 195 -46.85 -22.41 1.30
N PRO B 196 -47.30 -23.45 2.01
CA PRO B 196 -47.58 -24.72 1.33
C PRO B 196 -48.96 -24.65 0.69
N SER B 197 -49.17 -25.41 -0.38
CA SER B 197 -50.45 -25.38 -1.06
C SER B 197 -51.54 -26.01 -0.20
N SER B 198 -51.10 -26.85 0.72
CA SER B 198 -52.01 -27.52 1.65
C SER B 198 -52.83 -26.49 2.43
N SER B 199 -52.16 -25.45 2.94
CA SER B 199 -52.82 -24.44 3.75
C SER B 199 -53.70 -23.53 2.90
N LEU B 200 -53.17 -23.13 1.74
CA LEU B 200 -53.96 -22.40 0.75
C LEU B 200 -55.34 -23.04 0.61
N GLY B 201 -56.39 -22.25 0.82
CA GLY B 201 -57.74 -22.78 0.75
C GLY B 201 -58.20 -23.41 2.05
N THR B 202 -57.57 -22.99 3.15
CA THR B 202 -57.96 -23.43 4.47
C THR B 202 -57.49 -22.37 5.45
N GLN B 203 -56.24 -21.94 5.26
CA GLN B 203 -55.64 -20.87 6.04
C GLN B 203 -56.06 -19.54 5.42
N THR B 204 -56.01 -18.47 6.20
CA THR B 204 -56.50 -17.16 5.74
C THR B 204 -55.39 -16.09 5.75
N TYR B 205 -55.31 -15.31 4.69
CA TYR B 205 -54.18 -14.39 4.51
C TYR B 205 -54.60 -12.96 4.26
N ILE B 206 -54.33 -12.09 5.23
CA ILE B 206 -54.67 -10.68 5.09
C ILE B 206 -53.48 -9.79 5.39
N CYS B 207 -53.25 -8.82 4.52
CA CYS B 207 -52.19 -7.85 4.70
C CYS B 207 -52.74 -6.58 5.32
N ASN B 208 -52.04 -6.07 6.33
CA ASN B 208 -52.48 -4.86 7.00
C ASN B 208 -51.48 -3.76 6.70
N VAL B 209 -51.94 -2.73 6.02
CA VAL B 209 -51.05 -1.70 5.53
C VAL B 209 -51.32 -0.39 6.26
N ASN B 210 -50.26 0.25 6.73
CA ASN B 210 -50.35 1.54 7.41
C ASN B 210 -49.46 2.58 6.72
N HIS B 211 -50.04 3.73 6.39
CA HIS B 211 -49.32 4.85 5.81
C HIS B 211 -49.66 6.09 6.64
N LYS B 212 -48.82 6.36 7.64
CA LYS B 212 -49.11 7.31 8.70
C LYS B 212 -49.28 8.75 8.24
N PRO B 213 -48.45 9.20 7.29
CA PRO B 213 -48.54 10.56 6.75
C PRO B 213 -49.91 10.88 6.19
N SER B 214 -50.61 9.89 5.64
CA SER B 214 -51.96 10.12 5.13
C SER B 214 -52.94 9.52 6.10
N ASN B 215 -52.43 9.01 7.21
CA ASN B 215 -53.29 8.36 8.20
C ASN B 215 -54.26 7.40 7.49
N THR B 216 -53.72 6.56 6.63
CA THR B 216 -54.53 5.57 5.92
C THR B 216 -54.19 4.19 6.44
N LYS B 217 -55.19 3.33 6.60
CA LYS B 217 -54.94 1.97 7.07
C LYS B 217 -55.82 1.04 6.30
N VAL B 218 -55.27 -0.08 5.87
CA VAL B 218 -56.02 -0.99 5.02
C VAL B 218 -55.74 -2.44 5.39
N ASP B 219 -56.74 -3.27 5.16
CA ASP B 219 -56.64 -4.69 5.29
C ASP B 219 -57.20 -5.25 4.00
N LYS B 220 -56.51 -6.21 3.39
CA LYS B 220 -56.97 -6.80 2.14
C LYS B 220 -56.87 -8.33 2.18
N LYS B 221 -58.01 -9.00 2.02
CA LYS B 221 -58.02 -10.44 1.99
C LYS B 221 -57.40 -10.90 0.67
N VAL B 222 -56.33 -11.67 0.75
CA VAL B 222 -55.73 -12.31 -0.41
C VAL B 222 -56.28 -13.72 -0.53
N GLU B 223 -56.84 -14.07 -1.68
CA GLU B 223 -57.28 -15.46 -1.88
C GLU B 223 -57.08 -15.95 -3.31
N PRO B 224 -56.98 -17.28 -3.48
CA PRO B 224 -56.79 -17.95 -4.77
C PRO B 224 -58.08 -17.98 -5.58
N LYS B 225 -57.99 -18.36 -6.85
CA LYS B 225 -59.16 -18.48 -7.72
C LYS B 225 -59.92 -19.81 -7.57
N SER B 226 -61.25 -19.71 -7.47
CA SER B 226 -62.10 -20.87 -7.25
C SER B 226 -62.00 -21.90 -8.38
N ARG C 4 -3.04 27.01 9.11
CA ARG C 4 -3.81 25.79 9.32
C ARG C 4 -4.69 25.50 8.13
N LYS C 5 -4.85 26.52 7.28
CA LYS C 5 -5.71 26.46 6.11
C LYS C 5 -5.11 25.53 5.04
N ARG C 6 -3.83 25.20 5.22
CA ARG C 6 -3.09 24.40 4.27
C ARG C 6 -3.93 23.31 3.61
N ILE C 7 -4.05 23.38 2.29
CA ILE C 7 -4.44 22.20 1.52
C ILE C 7 -3.31 21.77 0.58
N ARG C 8 -2.71 20.61 0.85
CA ARG C 8 -1.61 20.11 0.02
C ARG C 8 -2.07 18.97 -0.91
N VAL C 9 -2.27 19.34 -2.17
CA VAL C 9 -2.95 18.53 -3.19
C VAL C 9 -2.16 17.34 -3.77
N GLY C 10 -0.84 17.46 -3.79
CA GLY C 10 0.03 16.44 -4.32
C GLY C 10 1.47 16.87 -4.09
N PRO C 11 2.43 16.02 -4.46
CA PRO C 11 3.84 16.30 -4.18
C PRO C 11 4.23 17.68 -4.71
N GLY C 12 4.73 18.53 -3.81
CA GLY C 12 5.14 19.87 -4.19
C GLY C 12 4.03 20.83 -4.61
N GLN C 13 2.81 20.63 -4.09
CA GLN C 13 1.70 21.52 -4.46
C GLN C 13 0.93 21.99 -3.24
N THR C 14 1.14 23.25 -2.87
CA THR C 14 0.45 23.80 -1.71
C THR C 14 -0.40 25.00 -2.10
N VAL C 15 -1.60 25.07 -1.54
CA VAL C 15 -2.40 26.29 -1.60
C VAL C 15 -2.64 26.71 -0.17
N TYR C 16 -2.45 28.01 0.12
CA TYR C 16 -2.78 28.58 1.43
C TYR C 16 -1.76 28.35 2.55
N SER D 1 45.91 11.04 -12.19
CA SER D 1 45.42 10.44 -10.93
C SER D 1 45.80 8.96 -10.87
N TYR D 2 46.50 8.54 -9.80
CA TYR D 2 46.87 7.12 -9.69
C TYR D 2 45.99 6.25 -8.78
N LEU D 3 45.67 5.06 -9.26
CA LEU D 3 44.80 4.12 -8.58
C LEU D 3 45.56 2.97 -7.92
N LEU D 4 44.91 2.33 -6.94
CA LEU D 4 45.46 1.15 -6.27
C LEU D 4 44.60 -0.07 -6.59
N THR D 5 45.26 -1.07 -7.18
CA THR D 5 44.56 -2.24 -7.64
C THR D 5 44.86 -3.42 -6.74
N GLN D 6 43.79 -4.07 -6.28
CA GLN D 6 43.88 -5.27 -5.47
C GLN D 6 43.04 -6.35 -6.11
N PRO D 7 43.41 -7.63 -5.89
CA PRO D 7 42.54 -8.73 -6.28
C PRO D 7 41.28 -8.71 -5.43
N PRO D 8 40.12 -8.89 -6.06
CA PRO D 8 38.84 -8.80 -5.36
C PRO D 8 38.67 -9.90 -4.34
N SER D 9 39.26 -11.06 -4.62
CA SER D 9 39.09 -12.24 -3.76
C SER D 9 40.35 -13.08 -3.74
N VAL D 10 40.71 -13.55 -2.54
CA VAL D 10 41.75 -14.55 -2.38
C VAL D 10 41.26 -15.65 -1.43
N SER D 11 41.53 -16.90 -1.81
CA SER D 11 41.11 -18.06 -1.03
C SER D 11 42.29 -18.88 -0.52
N VAL D 12 42.19 -19.33 0.73
CA VAL D 12 43.31 -20.05 1.34
C VAL D 12 42.84 -21.17 2.27
N SER D 13 43.48 -22.32 2.21
CA SER D 13 43.17 -23.36 3.18
C SER D 13 43.82 -23.05 4.54
N PRO D 14 43.06 -23.26 5.62
CA PRO D 14 43.45 -23.03 7.02
C PRO D 14 44.88 -23.47 7.35
N GLY D 15 45.66 -22.54 7.89
CA GLY D 15 47.02 -22.82 8.27
C GLY D 15 48.01 -22.61 7.15
N GLN D 16 47.51 -22.48 5.92
CA GLN D 16 48.38 -22.12 4.80
C GLN D 16 48.63 -20.62 4.87
N THR D 17 49.42 -20.11 3.93
CA THR D 17 49.77 -18.69 3.95
C THR D 17 49.03 -17.94 2.85
N ALA D 18 48.54 -16.74 3.17
CA ALA D 18 47.79 -15.96 2.18
C ALA D 18 48.50 -14.67 1.71
N SER D 19 48.45 -14.44 0.40
CA SER D 19 49.03 -13.24 -0.18
C SER D 19 47.97 -12.36 -0.78
N ILE D 20 47.96 -11.09 -0.39
CA ILE D 20 47.12 -10.09 -1.04
C ILE D 20 47.99 -9.00 -1.65
N SER D 21 47.78 -8.70 -2.92
CA SER D 21 48.59 -7.70 -3.60
C SER D 21 47.91 -6.34 -3.68
N CYS D 22 48.72 -5.30 -3.83
CA CYS D 22 48.24 -3.93 -4.06
C CYS D 22 49.16 -3.30 -5.10
N SER D 23 48.66 -3.07 -6.33
CA SER D 23 49.45 -2.41 -7.37
C SER D 23 49.04 -0.95 -7.49
N GLY D 24 50.03 -0.09 -7.70
CA GLY D 24 49.81 1.34 -7.77
C GLY D 24 51.03 2.00 -8.35
N ASP D 25 50.81 3.00 -9.20
CA ASP D 25 51.88 3.52 -10.05
C ASP D 25 52.95 4.36 -9.35
N LYS D 26 52.63 4.98 -8.24
CA LYS D 26 53.65 5.71 -7.49
C LYS D 26 53.97 4.98 -6.20
N LEU D 27 53.63 3.70 -6.15
CA LEU D 27 53.83 2.95 -4.91
C LEU D 27 55.30 2.69 -4.63
N ASP D 28 56.13 2.83 -5.67
CA ASP D 28 57.55 2.53 -5.53
C ASP D 28 58.23 3.58 -4.68
N ASP D 29 57.58 4.73 -4.55
CA ASP D 29 58.06 5.80 -3.67
C ASP D 29 57.00 6.28 -2.68
N LYS D 30 56.06 5.40 -2.37
CA LYS D 30 54.97 5.73 -1.47
C LYS D 30 54.72 4.63 -0.44
N TYR D 31 54.84 4.97 0.84
CA TYR D 31 54.50 4.02 1.91
C TYR D 31 53.09 3.48 1.77
N VAL D 32 52.92 2.19 2.07
CA VAL D 32 51.61 1.57 2.00
C VAL D 32 51.19 1.10 3.38
N SER D 33 49.97 1.47 3.79
CA SER D 33 49.36 0.92 4.99
C SER D 33 48.27 -0.10 4.62
N TRP D 34 47.98 -1.02 5.55
CA TRP D 34 46.95 -2.03 5.32
C TRP D 34 45.92 -2.05 6.44
N TYR D 35 44.65 -2.17 6.09
CA TYR D 35 43.58 -2.25 7.08
C TYR D 35 42.71 -3.48 6.87
N TYR D 36 42.27 -4.05 7.97
CA TYR D 36 41.35 -5.16 7.95
C TYR D 36 39.97 -4.62 8.30
N GLN D 37 38.92 -5.24 7.78
CA GLN D 37 37.57 -4.86 8.17
C GLN D 37 36.56 -6.01 8.05
N ARG D 38 35.96 -6.36 9.16
CA ARG D 38 34.89 -7.35 9.18
C ARG D 38 33.57 -6.69 8.77
N PRO D 39 32.79 -7.37 7.94
CA PRO D 39 31.49 -6.81 7.59
C PRO D 39 30.80 -6.20 8.81
N GLY D 40 30.50 -4.91 8.76
CA GLY D 40 29.73 -4.27 9.81
C GLY D 40 30.55 -3.41 10.75
N GLN D 41 31.73 -3.92 11.12
CA GLN D 41 32.61 -3.28 12.10
C GLN D 41 33.52 -2.23 11.46
N SER D 42 34.25 -1.52 12.30
CA SER D 42 35.18 -0.50 11.82
C SER D 42 36.47 -1.14 11.36
N PRO D 43 37.20 -0.45 10.47
CA PRO D 43 38.47 -0.91 9.93
C PRO D 43 39.56 -0.86 10.97
N VAL D 44 40.37 -1.91 11.02
CA VAL D 44 41.50 -1.97 11.92
C VAL D 44 42.81 -1.79 11.12
N LEU D 45 43.74 -1.03 11.67
CA LEU D 45 45.03 -0.82 11.02
C LEU D 45 45.93 -2.00 11.25
N LEU D 46 46.46 -2.56 10.17
CA LEU D 46 47.28 -3.75 10.28
C LEU D 46 48.74 -3.48 10.13
N MET D 47 49.07 -2.42 9.41
CA MET D 47 50.41 -2.29 8.89
C MET D 47 50.58 -0.91 8.33
N TYR D 48 51.73 -0.30 8.60
CA TYR D 48 52.02 0.99 8.02
C TYR D 48 53.48 1.03 7.59
N GLN D 49 53.81 1.98 6.71
CA GLN D 49 55.18 2.19 6.29
C GLN D 49 55.66 0.92 5.61
N ASP D 50 54.81 0.38 4.74
CA ASP D 50 55.07 -0.83 3.97
C ASP D 50 55.04 -2.09 4.83
N PHE D 51 55.84 -2.08 5.89
CA PHE D 51 56.23 -3.31 6.54
C PHE D 51 56.02 -3.31 8.06
N LYS D 52 55.71 -2.15 8.62
CA LYS D 52 55.63 -2.00 10.07
C LYS D 52 54.27 -2.36 10.65
N ARG D 53 54.27 -3.16 11.71
CA ARG D 53 53.06 -3.60 12.39
C ARG D 53 52.83 -2.75 13.60
N PRO D 54 51.66 -2.14 13.70
CA PRO D 54 51.39 -1.35 14.89
C PRO D 54 51.24 -2.33 16.06
N SER D 55 51.29 -1.84 17.29
CA SER D 55 51.28 -2.72 18.46
C SER D 55 49.99 -3.51 18.55
N GLY D 56 50.13 -4.79 18.88
CA GLY D 56 48.96 -5.65 19.00
C GLY D 56 48.75 -6.58 17.82
N ILE D 57 49.33 -6.25 16.67
CA ILE D 57 49.18 -7.06 15.48
C ILE D 57 50.25 -8.18 15.44
N PRO D 58 49.84 -9.44 15.20
CA PRO D 58 50.70 -10.63 15.28
C PRO D 58 51.79 -10.76 14.20
N GLU D 59 52.91 -11.36 14.57
CA GLU D 59 54.05 -11.54 13.68
C GLU D 59 53.72 -12.35 12.44
N ARG D 60 52.69 -13.20 12.53
CA ARG D 60 52.32 -14.00 11.36
C ARG D 60 51.78 -13.10 10.24
N LEU D 61 51.58 -11.83 10.58
CA LEU D 61 51.23 -10.83 9.58
C LEU D 61 52.46 -10.08 9.15
N SER D 62 52.68 -9.98 7.85
CA SER D 62 53.80 -9.20 7.33
C SER D 62 53.43 -8.48 6.04
N GLY D 63 53.98 -7.30 5.87
CA GLY D 63 53.78 -6.51 4.68
C GLY D 63 55.12 -6.41 3.98
N SER D 64 55.11 -6.29 2.65
CA SER D 64 56.33 -6.07 1.88
C SER D 64 56.07 -5.16 0.68
N LYS D 65 57.14 -4.82 -0.03
CA LYS D 65 56.96 -4.07 -1.25
C LYS D 65 58.10 -4.32 -2.21
N SER D 66 57.79 -4.30 -3.50
CA SER D 66 58.80 -4.43 -4.55
C SER D 66 58.31 -3.71 -5.79
N GLY D 67 59.12 -2.79 -6.30
CA GLY D 67 58.68 -1.96 -7.40
C GLY D 67 57.38 -1.27 -7.07
N LYS D 68 56.37 -1.49 -7.91
CA LYS D 68 55.10 -0.76 -7.82
C LYS D 68 54.01 -1.64 -7.25
N THR D 69 54.42 -2.69 -6.56
CA THR D 69 53.49 -3.62 -5.95
C THR D 69 53.81 -3.81 -4.47
N ALA D 70 52.81 -3.59 -3.63
CA ALA D 70 52.90 -3.90 -2.23
C ALA D 70 52.19 -5.23 -1.98
N THR D 71 52.67 -5.99 -0.98
CA THR D 71 52.03 -7.26 -0.60
C THR D 71 51.78 -7.42 0.90
N LEU D 72 50.65 -8.04 1.24
CA LEU D 72 50.34 -8.39 2.62
C LEU D 72 50.27 -9.90 2.74
N THR D 73 51.04 -10.46 3.65
CA THR D 73 51.10 -11.90 3.77
C THR D 73 50.68 -12.36 5.14
N ILE D 74 49.71 -13.26 5.15
CA ILE D 74 49.15 -13.81 6.36
C ILE D 74 49.49 -15.29 6.42
N SER D 75 50.46 -15.65 7.24
CA SER D 75 50.77 -17.06 7.42
C SER D 75 49.87 -17.59 8.54
N GLY D 76 49.71 -18.90 8.60
CA GLY D 76 48.88 -19.51 9.62
C GLY D 76 47.41 -19.12 9.59
N THR D 77 46.88 -18.80 8.43
CA THR D 77 45.50 -18.34 8.34
C THR D 77 44.47 -19.16 9.14
N GLN D 78 43.57 -18.45 9.80
CA GLN D 78 42.48 -19.08 10.53
C GLN D 78 41.12 -18.58 10.00
N SER D 79 40.06 -19.34 10.26
CA SER D 79 38.73 -18.91 9.85
C SER D 79 38.46 -17.44 10.17
N LEU D 80 38.85 -17.02 11.38
CA LEU D 80 38.55 -15.67 11.85
C LEU D 80 39.29 -14.58 11.08
N ASP D 81 40.29 -14.95 10.28
CA ASP D 81 40.96 -13.99 9.40
C ASP D 81 40.08 -13.48 8.27
N GLU D 82 39.01 -14.21 7.97
CA GLU D 82 38.01 -13.74 7.01
C GLU D 82 37.59 -12.30 7.26
N GLY D 83 37.17 -11.61 6.20
CA GLY D 83 36.89 -10.20 6.26
C GLY D 83 37.58 -9.53 5.09
N ASP D 84 37.55 -8.20 5.05
CA ASP D 84 38.04 -7.47 3.90
C ASP D 84 39.36 -6.85 4.26
N TYR D 85 40.21 -6.65 3.27
CA TYR D 85 41.53 -6.09 3.48
C TYR D 85 41.82 -4.97 2.49
N TYR D 86 42.28 -3.84 3.02
CA TYR D 86 42.44 -2.64 2.22
C TYR D 86 43.86 -2.10 2.34
N CYS D 87 44.47 -1.83 1.20
CA CYS D 87 45.74 -1.13 1.20
C CYS D 87 45.44 0.35 1.01
N GLN D 88 46.43 1.18 1.27
CA GLN D 88 46.26 2.60 1.06
C GLN D 88 47.60 3.24 1.00
N ALA D 89 47.62 4.38 0.33
CA ALA D 89 48.81 5.19 0.24
C ALA D 89 48.35 6.61 0.01
N TRP D 90 49.31 7.48 -0.23
CA TRP D 90 49.02 8.87 -0.43
C TRP D 90 49.47 9.32 -1.78
N ASP D 91 49.08 10.55 -2.10
CA ASP D 91 49.65 11.29 -3.21
C ASP D 91 49.93 12.71 -2.78
N ALA D 92 50.98 13.28 -3.32
CA ALA D 92 51.34 14.64 -2.98
C ALA D 92 51.87 15.36 -4.21
N SER D 93 51.27 16.52 -4.49
CA SER D 93 51.73 17.36 -5.60
C SER D 93 51.33 18.81 -5.36
N THR D 94 52.09 19.72 -5.95
CA THR D 94 51.75 21.13 -5.95
C THR D 94 51.07 21.41 -7.27
N GLY D 95 50.03 22.22 -7.27
CA GLY D 95 49.32 22.52 -8.50
C GLY D 95 50.12 23.37 -9.47
N VAL D 96 49.72 23.35 -10.73
CA VAL D 96 50.33 24.20 -11.76
C VAL D 96 50.41 25.66 -11.33
N SER D 97 49.38 26.17 -10.66
CA SER D 97 49.30 27.59 -10.32
C SER D 97 49.74 27.95 -8.91
N GLY D 98 50.33 26.97 -8.21
CA GLY D 98 50.80 27.16 -6.84
C GLY D 98 49.79 26.77 -5.78
N GLY D 99 49.99 27.25 -4.56
CA GLY D 99 49.05 27.02 -3.46
C GLY D 99 49.46 25.96 -2.45
N GLY D 100 50.69 25.47 -2.58
CA GLY D 100 51.22 24.49 -1.65
C GLY D 100 50.76 23.08 -1.92
N THR D 101 51.50 22.12 -1.36
CA THR D 101 51.27 20.70 -1.59
C THR D 101 49.82 20.29 -1.38
N LYS D 102 49.26 19.63 -2.37
CA LYS D 102 47.90 19.08 -2.28
C LYS D 102 48.01 17.60 -1.94
N LEU D 103 47.46 17.21 -0.79
CA LEU D 103 47.53 15.82 -0.35
C LEU D 103 46.30 15.00 -0.75
N THR D 104 46.51 13.72 -1.03
CA THR D 104 45.43 12.79 -1.39
C THR D 104 45.58 11.47 -0.65
N VAL D 105 44.49 10.94 -0.11
CA VAL D 105 44.52 9.60 0.47
C VAL D 105 43.80 8.62 -0.43
N LEU D 106 44.42 7.47 -0.68
CA LEU D 106 43.87 6.50 -1.63
C LEU D 106 43.76 5.10 -1.04
N PHE D 107 42.71 4.37 -1.43
CA PHE D 107 42.48 3.02 -0.96
C PHE D 107 42.30 2.12 -2.15
N GLY D 108 42.88 0.93 -2.12
CA GLY D 108 42.54 -0.11 -3.07
C GLY D 108 41.13 -0.58 -2.75
N GLU D 109 40.43 -1.11 -3.73
CA GLU D 109 39.01 -1.44 -3.58
C GLU D 109 38.82 -2.57 -2.58
N GLY D 110 39.94 -3.14 -2.13
CA GLY D 110 39.90 -4.16 -1.09
C GLY D 110 39.79 -5.59 -1.58
N THR D 111 40.34 -6.50 -0.80
CA THR D 111 40.33 -7.90 -1.14
C THR D 111 39.54 -8.64 -0.07
N ARG D 112 38.63 -9.52 -0.48
CA ARG D 112 37.92 -10.35 0.48
C ARG D 112 38.63 -11.68 0.68
N LEU D 113 38.90 -12.03 1.92
CA LEU D 113 39.64 -13.25 2.22
C LEU D 113 38.71 -14.41 2.63
N THR D 114 38.72 -15.47 1.82
CA THR D 114 37.99 -16.67 2.19
C THR D 114 38.99 -17.71 2.69
N VAL D 115 38.72 -18.24 3.87
CA VAL D 115 39.49 -19.34 4.43
C VAL D 115 38.56 -20.56 4.40
N LEU D 116 39.04 -21.66 3.83
CA LEU D 116 38.18 -22.79 3.55
C LEU D 116 38.22 -23.78 4.67
N ALA D 117 37.36 -23.58 5.66
CA ALA D 117 37.34 -24.41 6.86
C ALA D 117 36.29 -25.53 6.82
N GLN D 118 35.85 -25.92 5.62
CA GLN D 118 34.98 -27.08 5.51
C GLN D 118 34.92 -27.64 4.11
N PRO D 119 34.40 -28.87 3.97
CA PRO D 119 34.30 -29.53 2.66
C PRO D 119 33.30 -28.81 1.76
N LYS D 120 33.57 -28.78 0.45
CA LYS D 120 32.68 -28.07 -0.47
C LYS D 120 31.26 -28.65 -0.43
N ALA D 121 30.28 -27.78 -0.53
CA ALA D 121 28.88 -28.20 -0.49
C ALA D 121 28.07 -27.50 -1.58
N ALA D 122 27.49 -28.29 -2.50
CA ALA D 122 26.62 -27.71 -3.53
C ALA D 122 25.30 -27.19 -2.95
N PRO D 123 24.77 -26.10 -3.51
CA PRO D 123 23.56 -25.44 -3.02
C PRO D 123 22.27 -26.19 -3.35
N SER D 124 21.30 -26.11 -2.45
CA SER D 124 19.94 -26.55 -2.75
C SER D 124 19.23 -25.30 -3.25
N VAL D 125 18.48 -25.46 -4.34
CA VAL D 125 17.77 -24.33 -4.89
C VAL D 125 16.27 -24.62 -4.84
N THR D 126 15.53 -23.74 -4.20
CA THR D 126 14.07 -23.80 -4.24
C THR D 126 13.53 -22.49 -4.82
N LEU D 127 12.63 -22.63 -5.77
CA LEU D 127 12.12 -21.47 -6.50
C LEU D 127 10.60 -21.37 -6.34
N PHE D 128 10.13 -20.32 -5.67
CA PHE D 128 8.69 -20.12 -5.50
C PHE D 128 8.11 -19.18 -6.55
N PRO D 129 6.96 -19.57 -7.13
CA PRO D 129 6.16 -18.72 -8.00
C PRO D 129 5.48 -17.61 -7.21
N PRO D 130 4.88 -16.62 -7.90
CA PRO D 130 4.19 -15.59 -7.14
C PRO D 130 2.97 -16.19 -6.49
N SER D 131 2.67 -15.83 -5.25
CA SER D 131 1.44 -16.30 -4.61
C SER D 131 0.20 -15.65 -5.23
N SER D 132 -0.90 -16.37 -5.23
CA SER D 132 -2.15 -15.80 -5.71
C SER D 132 -2.49 -14.53 -4.95
N GLU D 133 -2.04 -14.43 -3.70
CA GLU D 133 -2.31 -13.26 -2.86
C GLU D 133 -1.64 -12.01 -3.44
N GLU D 134 -0.33 -12.14 -3.70
CA GLU D 134 0.42 -11.12 -4.42
C GLU D 134 -0.21 -10.82 -5.78
N LEU D 135 -0.58 -11.86 -6.52
CA LEU D 135 -1.15 -11.67 -7.85
C LEU D 135 -2.44 -10.90 -7.74
N GLN D 136 -3.16 -11.09 -6.64
CA GLN D 136 -4.45 -10.44 -6.47
C GLN D 136 -4.26 -8.97 -6.15
N ALA D 137 -3.03 -8.63 -5.78
CA ALA D 137 -2.65 -7.23 -5.61
C ALA D 137 -1.84 -6.74 -6.81
N ASN D 138 -2.03 -7.39 -7.95
CA ASN D 138 -1.35 -7.04 -9.19
C ASN D 138 0.17 -6.90 -9.08
N LYS D 139 0.78 -7.77 -8.29
CA LYS D 139 2.22 -7.80 -8.20
C LYS D 139 2.69 -9.21 -8.47
N ALA D 140 3.99 -9.35 -8.70
CA ALA D 140 4.58 -10.67 -8.82
C ALA D 140 6.08 -10.63 -8.50
N THR D 141 6.51 -11.56 -7.66
CA THR D 141 7.91 -11.72 -7.35
C THR D 141 8.20 -13.21 -7.39
N LEU D 142 9.15 -13.64 -8.22
CA LEU D 142 9.59 -15.02 -8.12
C LEU D 142 10.62 -14.98 -7.03
N VAL D 143 10.68 -16.01 -6.21
CA VAL D 143 11.63 -16.05 -5.10
C VAL D 143 12.54 -17.28 -5.22
N CYS D 144 13.84 -17.02 -5.26
CA CYS D 144 14.80 -18.08 -5.46
C CYS D 144 15.68 -18.26 -4.24
N LEU D 145 15.46 -19.34 -3.50
CA LEU D 145 16.20 -19.54 -2.27
C LEU D 145 17.28 -20.62 -2.39
N ILE D 146 18.51 -20.23 -2.04
CA ILE D 146 19.71 -21.03 -2.28
C ILE D 146 20.33 -21.44 -0.95
N SER D 147 20.38 -22.73 -0.69
CA SER D 147 20.66 -23.19 0.67
C SER D 147 21.72 -24.28 0.78
N ASP D 148 22.28 -24.41 1.98
CA ASP D 148 23.25 -25.43 2.28
C ASP D 148 24.48 -25.52 1.36
N PHE D 149 25.03 -24.37 0.99
CA PHE D 149 26.22 -24.40 0.16
C PHE D 149 27.45 -23.91 0.91
N TYR D 150 28.61 -24.22 0.35
CA TYR D 150 29.87 -23.74 0.90
C TYR D 150 30.95 -23.89 -0.16
N PRO D 151 31.80 -22.86 -0.35
CA PRO D 151 31.86 -21.58 0.36
C PRO D 151 30.68 -20.64 0.06
N GLY D 152 30.74 -19.43 0.62
CA GLY D 152 29.65 -18.48 0.54
C GLY D 152 29.78 -17.51 -0.63
N ALA D 153 29.75 -18.07 -1.82
CA ALA D 153 29.71 -17.31 -3.04
C ALA D 153 28.96 -18.11 -4.07
N VAL D 154 28.09 -17.43 -4.81
CA VAL D 154 27.34 -18.03 -5.88
C VAL D 154 26.96 -16.87 -6.78
N THR D 155 26.65 -17.20 -8.05
CA THR D 155 26.04 -16.23 -8.95
C THR D 155 24.73 -16.80 -9.44
N VAL D 156 23.78 -15.90 -9.68
CA VAL D 156 22.43 -16.30 -10.02
C VAL D 156 22.08 -15.74 -11.41
N ALA D 157 21.45 -16.58 -12.24
CA ALA D 157 20.98 -16.13 -13.54
C ALA D 157 19.51 -16.45 -13.73
N TRP D 158 18.75 -15.46 -14.20
CA TRP D 158 17.31 -15.63 -14.40
C TRP D 158 16.97 -15.72 -15.88
N LYS D 159 16.05 -16.62 -16.20
CA LYS D 159 15.57 -16.74 -17.56
C LYS D 159 14.07 -16.52 -17.61
N ALA D 160 13.61 -16.02 -18.75
CA ALA D 160 12.20 -15.94 -19.04
C ALA D 160 12.05 -16.75 -20.30
N ASP D 161 11.32 -17.86 -20.23
CA ASP D 161 11.42 -18.87 -21.28
C ASP D 161 12.87 -19.34 -21.34
N SER D 162 13.61 -18.98 -22.38
CA SER D 162 15.02 -19.35 -22.47
C SER D 162 15.95 -18.15 -22.33
N SER D 163 15.39 -16.96 -22.53
CA SER D 163 16.15 -15.74 -22.67
C SER D 163 16.50 -15.17 -21.32
N PRO D 164 17.76 -14.73 -21.14
CA PRO D 164 18.12 -14.18 -19.84
C PRO D 164 17.40 -12.85 -19.61
N VAL D 165 17.12 -12.55 -18.34
CA VAL D 165 16.56 -11.25 -17.98
C VAL D 165 17.36 -10.72 -16.78
N LYS D 166 17.86 -9.50 -16.89
CA LYS D 166 18.57 -8.86 -15.77
C LYS D 166 17.68 -7.82 -15.11
N ALA D 167 16.63 -7.41 -15.84
CA ALA D 167 15.64 -6.46 -15.35
C ALA D 167 14.84 -6.95 -14.10
N GLY D 168 14.90 -6.18 -13.01
CA GLY D 168 14.11 -6.45 -11.82
C GLY D 168 14.66 -7.50 -10.87
N VAL D 169 15.98 -7.62 -10.83
CA VAL D 169 16.65 -8.69 -10.11
C VAL D 169 17.43 -8.11 -8.95
N GLU D 170 17.23 -8.70 -7.77
CA GLU D 170 17.97 -8.29 -6.59
C GLU D 170 18.39 -9.55 -5.86
N THR D 171 19.61 -9.53 -5.30
CA THR D 171 20.22 -10.73 -4.75
C THR D 171 21.04 -10.37 -3.52
N THR D 172 20.77 -11.06 -2.43
CA THR D 172 21.45 -10.82 -1.17
C THR D 172 22.87 -11.44 -1.16
N THR D 173 23.72 -10.97 -0.24
CA THR D 173 25.02 -11.59 0.00
C THR D 173 24.81 -12.82 0.86
N PRO D 174 25.46 -13.93 0.50
CA PRO D 174 25.29 -15.18 1.26
C PRO D 174 25.59 -15.01 2.73
N SER D 175 24.68 -15.45 3.58
CA SER D 175 24.87 -15.37 5.03
C SER D 175 24.88 -16.76 5.63
N LYS D 176 25.40 -16.85 6.85
CA LYS D 176 25.58 -18.11 7.53
C LYS D 176 24.26 -18.71 8.04
N GLN D 177 24.08 -20.00 7.78
CA GLN D 177 22.95 -20.74 8.33
C GLN D 177 23.33 -21.28 9.68
N SER D 178 22.32 -21.71 10.43
CA SER D 178 22.53 -22.30 11.74
C SER D 178 23.53 -23.44 11.65
N ASN D 179 23.44 -24.24 10.58
CA ASN D 179 24.33 -25.40 10.45
C ASN D 179 25.72 -25.03 9.93
N ASN D 180 25.96 -23.72 9.76
CA ASN D 180 27.26 -23.19 9.33
C ASN D 180 27.60 -23.26 7.83
N LYS D 181 26.68 -23.77 7.04
CA LYS D 181 26.78 -23.60 5.59
C LYS D 181 26.14 -22.25 5.25
N TYR D 182 26.28 -21.80 4.01
CA TYR D 182 25.74 -20.50 3.64
C TYR D 182 24.35 -20.57 3.03
N ALA D 183 23.76 -19.39 2.81
CA ALA D 183 22.42 -19.27 2.27
C ALA D 183 22.29 -17.94 1.54
N ALA D 184 21.54 -17.92 0.45
CA ALA D 184 21.32 -16.71 -0.34
C ALA D 184 19.91 -16.69 -0.95
N SER D 185 19.46 -15.50 -1.34
CA SER D 185 18.14 -15.33 -1.92
C SER D 185 18.23 -14.36 -3.09
N SER D 186 17.57 -14.70 -4.19
CA SER D 186 17.48 -13.81 -5.32
C SER D 186 16.01 -13.60 -5.69
N TYR D 187 15.67 -12.41 -6.17
CA TYR D 187 14.29 -12.05 -6.48
C TYR D 187 14.17 -11.47 -7.88
N LEU D 188 13.09 -11.81 -8.57
CA LEU D 188 12.73 -11.21 -9.86
C LEU D 188 11.35 -10.60 -9.80
N SER D 189 11.23 -9.31 -10.12
CA SER D 189 9.93 -8.66 -10.18
C SER D 189 9.34 -8.66 -11.59
N LEU D 190 8.07 -9.03 -11.68
CA LEU D 190 7.38 -9.08 -12.97
C LEU D 190 5.98 -8.50 -12.84
N THR D 191 5.49 -7.85 -13.89
CA THR D 191 4.09 -7.49 -13.94
C THR D 191 3.31 -8.79 -13.97
N PRO D 192 2.07 -8.76 -13.46
CA PRO D 192 1.26 -9.98 -13.56
C PRO D 192 1.14 -10.39 -15.01
N GLU D 193 1.31 -9.43 -15.91
CA GLU D 193 1.20 -9.71 -17.34
C GLU D 193 2.37 -10.53 -17.89
N GLN D 194 3.58 -10.27 -17.39
CA GLN D 194 4.75 -11.06 -17.76
C GLN D 194 4.70 -12.48 -17.23
N TRP D 195 4.18 -12.66 -16.01
CA TRP D 195 4.14 -13.98 -15.38
C TRP D 195 3.26 -14.93 -16.15
N LYS D 196 2.07 -14.47 -16.49
CA LYS D 196 1.12 -15.30 -17.24
C LYS D 196 1.50 -15.57 -18.70
N SER D 197 2.37 -14.75 -19.29
CA SER D 197 2.60 -14.81 -20.75
C SER D 197 3.89 -15.48 -21.20
N HIS D 198 4.71 -15.93 -20.26
CA HIS D 198 5.79 -16.84 -20.62
C HIS D 198 5.40 -18.24 -20.23
N LYS D 199 6.03 -19.22 -20.86
CA LYS D 199 5.78 -20.62 -20.53
C LYS D 199 6.40 -20.98 -19.20
N SER D 200 7.45 -20.25 -18.82
CA SER D 200 8.13 -20.47 -17.54
C SER D 200 9.20 -19.41 -17.24
N TYR D 201 9.69 -19.44 -16.00
CA TYR D 201 10.87 -18.70 -15.58
C TYR D 201 11.81 -19.63 -14.84
N SER D 202 13.10 -19.35 -14.95
CA SER D 202 14.11 -20.20 -14.36
C SER D 202 15.12 -19.40 -13.55
N CYS D 203 15.55 -19.99 -12.45
CA CYS D 203 16.59 -19.38 -11.65
C CYS D 203 17.74 -20.35 -11.66
N GLN D 204 18.78 -20.02 -12.42
CA GLN D 204 19.96 -20.84 -12.52
C GLN D 204 21.02 -20.32 -11.55
N VAL D 205 21.45 -21.15 -10.62
CA VAL D 205 22.48 -20.71 -9.69
C VAL D 205 23.79 -21.37 -10.07
N THR D 206 24.90 -20.66 -9.94
CA THR D 206 26.20 -21.25 -10.20
C THR D 206 27.08 -21.22 -8.95
N HIS D 207 27.57 -22.38 -8.56
CA HIS D 207 28.44 -22.46 -7.40
C HIS D 207 29.70 -23.24 -7.72
N GLU D 208 30.83 -22.54 -7.82
CA GLU D 208 32.11 -23.19 -8.00
C GLU D 208 32.12 -23.93 -9.32
N GLY D 209 31.64 -23.25 -10.36
CA GLY D 209 31.61 -23.80 -11.70
C GLY D 209 30.42 -24.69 -12.00
N SER D 210 29.76 -25.16 -10.94
CA SER D 210 28.63 -26.08 -11.05
C SER D 210 27.30 -25.36 -10.91
N THR D 211 26.41 -25.56 -11.87
CA THR D 211 25.09 -24.95 -11.83
C THR D 211 24.02 -25.89 -11.28
N VAL D 212 22.99 -25.29 -10.70
CA VAL D 212 21.77 -25.99 -10.39
C VAL D 212 20.62 -25.03 -10.70
N GLU D 213 19.59 -25.53 -11.36
CA GLU D 213 18.53 -24.63 -11.74
C GLU D 213 17.14 -25.25 -11.56
N LYS D 214 16.19 -24.39 -11.15
CA LYS D 214 14.78 -24.74 -11.06
C LYS D 214 13.96 -23.93 -12.04
N THR D 215 12.74 -24.38 -12.29
CA THR D 215 11.88 -23.73 -13.27
C THR D 215 10.45 -23.68 -12.74
N VAL D 216 9.73 -22.61 -13.05
CA VAL D 216 8.32 -22.52 -12.69
C VAL D 216 7.43 -21.93 -13.78
N ALA D 217 6.15 -22.30 -13.73
CA ALA D 217 5.20 -21.84 -14.73
C ALA D 217 3.93 -21.44 -14.02
N PRO D 218 3.13 -20.59 -14.65
CA PRO D 218 1.90 -20.04 -14.08
C PRO D 218 0.88 -21.10 -13.66
N THR D 219 0.05 -20.75 -12.70
CA THR D 219 -1.06 -21.60 -12.28
C THR D 219 -1.89 -22.02 -13.48
N GLU E 1 41.70 5.49 27.47
CA GLU E 1 40.77 5.08 26.43
C GLU E 1 40.72 6.04 25.23
N VAL E 2 41.73 5.94 24.38
CA VAL E 2 41.73 6.66 23.12
C VAL E 2 40.62 6.10 22.21
N GLN E 3 39.74 6.99 21.74
CA GLN E 3 38.59 6.58 20.94
C GLN E 3 37.92 7.74 20.20
N LEU E 4 37.22 7.40 19.12
CA LEU E 4 36.43 8.34 18.35
C LEU E 4 34.97 7.90 18.40
N VAL E 5 34.07 8.80 18.77
CA VAL E 5 32.66 8.46 18.85
C VAL E 5 31.87 9.39 17.95
N GLU E 6 31.19 8.83 16.97
CA GLU E 6 30.40 9.66 16.05
C GLU E 6 28.92 9.66 16.42
N SER E 7 28.15 10.51 15.76
CA SER E 7 26.73 10.68 16.07
C SER E 7 25.87 9.60 15.42
N GLY E 8 24.64 9.46 15.92
CA GLY E 8 23.74 8.42 15.48
C GLY E 8 23.39 8.53 14.02
N GLY E 9 23.02 7.40 13.42
CA GLY E 9 22.63 7.38 12.03
C GLY E 9 21.25 7.98 11.87
N GLU E 10 20.98 8.48 10.67
CA GLU E 10 19.71 9.10 10.37
C GLU E 10 19.31 8.87 8.93
N VAL E 11 18.03 9.05 8.65
CA VAL E 11 17.49 8.98 7.31
C VAL E 11 17.03 10.37 6.92
N LYS E 12 17.53 10.86 5.79
CA LYS E 12 17.19 12.20 5.29
C LYS E 12 16.56 12.14 3.88
N GLN E 13 15.77 13.15 3.54
CA GLN E 13 15.24 13.26 2.18
C GLN E 13 16.24 14.05 1.36
N PRO E 14 16.19 13.88 0.02
CA PRO E 14 17.09 14.71 -0.80
C PRO E 14 16.63 16.15 -0.75
N GLY E 15 17.58 17.07 -0.81
CA GLY E 15 17.26 18.48 -0.70
C GLY E 15 17.63 19.01 0.67
N GLN E 16 17.55 18.15 1.68
CA GLN E 16 17.82 18.56 3.06
C GLN E 16 19.31 18.73 3.33
N SER E 17 19.62 19.43 4.43
CA SER E 17 20.99 19.62 4.88
C SER E 17 21.32 18.53 5.89
N LEU E 18 22.58 18.49 6.34
CA LEU E 18 23.02 17.44 7.25
C LEU E 18 24.34 17.83 7.89
N LYS E 19 24.45 17.60 9.18
CA LYS E 19 25.71 17.86 9.87
C LYS E 19 25.93 16.71 10.79
N ILE E 20 27.06 16.04 10.61
CA ILE E 20 27.41 14.87 11.40
C ILE E 20 28.71 15.16 12.14
N SER E 21 28.93 14.44 13.24
CA SER E 21 29.98 14.81 14.16
C SER E 21 30.82 13.62 14.64
N CYS E 22 32.03 13.95 15.09
CA CYS E 22 33.00 12.97 15.55
C CYS E 22 33.71 13.54 16.78
N LYS E 23 33.41 12.98 17.95
CA LYS E 23 33.92 13.47 19.21
C LYS E 23 35.14 12.70 19.73
N SER E 24 36.22 13.43 20.01
CA SER E 24 37.52 12.87 20.37
C SER E 24 37.71 12.79 21.88
N SER E 25 38.55 11.85 22.34
CA SER E 25 38.99 11.80 23.74
C SER E 25 40.25 10.93 23.90
N GLY E 26 40.94 11.06 25.02
CA GLY E 26 42.08 10.20 25.32
C GLY E 26 43.40 10.62 24.67
N TYR E 27 43.38 11.71 23.92
CA TYR E 27 44.60 12.28 23.35
C TYR E 27 44.44 13.79 23.11
N ASN E 28 45.43 14.41 22.48
CA ASN E 28 45.36 15.84 22.14
C ASN E 28 44.73 16.08 20.78
N PHE E 29 43.44 16.37 20.82
CA PHE E 29 42.63 16.54 19.64
C PHE E 29 43.28 17.43 18.59
N LEU E 30 43.97 18.48 19.00
CA LEU E 30 44.50 19.45 18.04
C LEU E 30 45.73 18.96 17.25
N ASP E 31 46.49 18.03 17.83
CA ASP E 31 47.79 17.66 17.25
C ASP E 31 47.76 16.64 16.12
N SER E 32 46.62 15.97 15.92
CA SER E 32 46.53 14.92 14.90
C SER E 32 45.45 15.21 13.87
N TRP E 33 45.77 14.99 12.60
CA TRP E 33 44.78 15.08 11.53
C TRP E 33 43.60 14.15 11.76
N ILE E 34 42.44 14.60 11.31
CA ILE E 34 41.24 13.78 11.26
C ILE E 34 40.86 13.56 9.80
N GLY E 35 40.56 12.32 9.46
CA GLY E 35 40.15 11.95 8.12
C GLY E 35 38.73 11.43 8.07
N TRP E 36 38.07 11.62 6.93
CA TRP E 36 36.72 11.09 6.71
C TRP E 36 36.74 10.12 5.54
N VAL E 37 36.10 8.98 5.75
CA VAL E 37 35.95 7.98 4.72
C VAL E 37 34.49 7.59 4.60
N ARG E 38 34.06 7.33 3.37
CA ARG E 38 32.72 6.83 3.16
C ARG E 38 32.75 5.39 2.70
N GLN E 39 31.76 4.63 3.14
CA GLN E 39 31.64 3.27 2.68
C GLN E 39 30.20 2.98 2.33
N ILE E 40 29.95 2.81 1.04
CA ILE E 40 28.61 2.43 0.60
C ILE E 40 28.39 0.95 0.90
N PRO E 41 27.16 0.61 1.32
CA PRO E 41 26.79 -0.79 1.58
C PRO E 41 27.36 -1.82 0.58
N GLY E 42 28.28 -2.64 1.08
CA GLY E 42 28.86 -3.70 0.29
C GLY E 42 29.96 -3.28 -0.67
N LYS E 43 30.38 -2.02 -0.59
CA LYS E 43 31.46 -1.51 -1.44
C LYS E 43 32.69 -1.10 -0.61
N GLY E 44 33.72 -0.56 -1.28
CA GLY E 44 34.99 -0.25 -0.63
C GLY E 44 35.08 1.03 0.20
N LEU E 45 36.29 1.34 0.66
CA LEU E 45 36.54 2.58 1.42
C LEU E 45 36.96 3.71 0.49
N GLU E 46 36.30 4.86 0.65
CA GLU E 46 36.43 5.96 -0.28
C GLU E 46 36.87 7.23 0.44
N TRP E 47 37.97 7.84 0.02
CA TRP E 47 38.51 9.00 0.71
C TRP E 47 37.67 10.23 0.48
N ILE E 48 37.37 10.93 1.57
CA ILE E 48 36.66 12.18 1.52
C ILE E 48 37.62 13.35 1.78
N GLY E 49 38.43 13.26 2.84
CA GLY E 49 39.34 14.34 3.18
C GLY E 49 40.00 14.25 4.54
N ILE E 50 40.92 15.17 4.79
CA ILE E 50 41.53 15.32 6.11
C ILE E 50 41.54 16.78 6.52
N ILE E 51 41.52 17.02 7.81
CA ILE E 51 41.62 18.37 8.33
C ILE E 51 42.51 18.36 9.57
N TYR E 52 43.26 19.45 9.75
CA TYR E 52 44.10 19.58 10.93
C TYR E 52 43.39 20.41 12.00
N PRO E 53 43.03 19.78 13.11
CA PRO E 53 42.14 20.49 14.05
C PRO E 53 42.73 21.80 14.58
N ASP E 54 44.06 21.88 14.67
CA ASP E 54 44.72 23.06 15.25
C ASP E 54 44.49 24.31 14.40
N ASP E 55 44.49 24.18 13.07
CA ASP E 55 44.32 25.34 12.20
C ASP E 55 43.30 25.23 11.06
N SER E 56 42.56 24.12 11.00
CA SER E 56 41.55 23.93 9.97
C SER E 56 42.10 23.82 8.55
N ASP E 57 43.39 23.57 8.44
CA ASP E 57 44.01 23.30 7.16
C ASP E 57 43.34 22.03 6.66
N ALA E 58 43.00 21.98 5.39
CA ALA E 58 42.21 20.88 4.88
C ALA E 58 42.52 20.51 3.42
N HIS E 59 42.51 19.22 3.16
CA HIS E 59 42.67 18.68 1.81
C HIS E 59 41.49 17.76 1.51
N TYR E 60 40.85 17.96 0.38
CA TYR E 60 39.68 17.17 0.05
C TYR E 60 39.94 16.27 -1.16
N SER E 61 39.27 15.13 -1.21
CA SER E 61 39.16 14.36 -2.44
C SER E 61 38.50 15.21 -3.49
N PRO E 62 38.95 15.09 -4.74
CA PRO E 62 38.30 15.82 -5.85
C PRO E 62 36.81 15.46 -6.01
N SER E 63 36.42 14.28 -5.54
CA SER E 63 35.03 13.84 -5.67
C SER E 63 34.11 14.36 -4.56
N PHE E 64 34.66 15.10 -3.61
CA PHE E 64 33.86 15.59 -2.50
C PHE E 64 33.96 17.10 -2.29
N GLU E 65 35.07 17.68 -2.73
CA GLU E 65 35.29 19.11 -2.57
C GLU E 65 34.20 19.94 -3.29
N GLY E 66 33.44 20.69 -2.51
CA GLY E 66 32.40 21.54 -3.05
C GLY E 66 31.03 20.91 -2.85
N GLN E 67 31.03 19.71 -2.30
CA GLN E 67 29.82 18.98 -2.02
C GLN E 67 29.68 18.76 -0.50
N VAL E 68 30.75 19.02 0.23
CA VAL E 68 30.80 18.69 1.64
C VAL E 68 31.88 19.51 2.35
N THR E 69 31.61 19.88 3.60
CA THR E 69 32.47 20.82 4.32
C THR E 69 32.97 20.26 5.65
N MET E 70 34.29 20.16 5.79
CA MET E 70 34.90 19.71 7.06
C MET E 70 35.07 20.91 7.96
N SER E 71 34.82 20.70 9.26
CA SER E 71 35.00 21.75 10.25
C SER E 71 35.35 21.09 11.57
N VAL E 72 36.04 21.82 12.44
CA VAL E 72 36.30 21.35 13.81
C VAL E 72 35.96 22.45 14.82
N ASP E 73 35.56 22.01 16.01
CA ASP E 73 35.26 22.89 17.12
C ASP E 73 36.26 22.56 18.21
N LYS E 74 37.36 23.29 18.22
CA LYS E 74 38.48 22.94 19.08
C LYS E 74 38.02 22.76 20.53
N SER E 75 37.15 23.64 20.99
CA SER E 75 36.76 23.66 22.37
C SER E 75 36.07 22.36 22.81
N ILE E 76 35.56 21.58 21.87
CA ILE E 76 34.88 20.35 22.28
C ILE E 76 35.40 19.07 21.64
N SER E 77 36.66 19.09 21.21
CA SER E 77 37.26 17.92 20.59
C SER E 77 36.26 17.27 19.63
N THR E 78 35.75 18.06 18.70
CA THR E 78 34.74 17.56 17.77
C THR E 78 35.02 18.00 16.33
N ALA E 79 35.01 17.02 15.43
CA ALA E 79 35.12 17.29 14.00
C ALA E 79 33.75 17.10 13.36
N TYR E 80 33.50 17.82 12.27
CA TYR E 80 32.18 17.79 11.63
C TYR E 80 32.32 17.59 10.15
N LEU E 81 31.23 17.14 9.56
CA LEU E 81 31.13 17.03 8.13
C LEU E 81 29.73 17.55 7.81
N GLN E 82 29.62 18.48 6.88
CA GLN E 82 28.30 19.04 6.62
C GLN E 82 27.95 19.16 5.14
N TRP E 83 26.69 18.86 4.83
CA TRP E 83 26.16 18.98 3.48
C TRP E 83 25.21 20.14 3.47
N THR E 84 25.32 21.01 2.49
CA THR E 84 24.35 22.08 2.33
C THR E 84 23.05 21.50 1.77
N THR E 85 23.18 20.53 0.87
CA THR E 85 22.03 19.87 0.23
C THR E 85 22.32 18.40 -0.08
N LEU E 86 21.53 17.51 0.48
CA LEU E 86 21.77 16.08 0.35
C LEU E 86 21.24 15.48 -0.93
N GLN E 87 22.01 14.54 -1.46
CA GLN E 87 21.62 13.80 -2.65
C GLN E 87 21.55 12.33 -2.30
N ALA E 88 20.76 11.59 -3.04
CA ALA E 88 20.64 10.16 -2.81
C ALA E 88 22.03 9.56 -2.83
N SER E 89 22.89 10.09 -3.70
CA SER E 89 24.24 9.57 -3.85
C SER E 89 25.09 9.84 -2.61
N ASP E 90 24.65 10.77 -1.76
CA ASP E 90 25.39 11.06 -0.53
C ASP E 90 25.20 9.95 0.51
N THR E 91 24.59 8.85 0.09
CA THR E 91 24.27 7.77 1.02
C THR E 91 25.50 6.94 1.35
N GLY E 92 25.53 6.40 2.56
CA GLY E 92 26.64 5.58 2.96
C GLY E 92 26.87 5.63 4.46
N LYS E 93 27.89 4.88 4.89
CA LYS E 93 28.31 4.88 6.27
C LYS E 93 29.58 5.67 6.34
N TYR E 94 29.59 6.67 7.21
CA TYR E 94 30.67 7.64 7.24
C TYR E 94 31.60 7.44 8.45
N PHE E 95 32.87 7.14 8.18
CA PHE E 95 33.87 7.01 9.25
C PHE E 95 34.73 8.29 9.35
N CYS E 96 34.90 8.80 10.56
CA CYS E 96 35.98 9.74 10.77
C CYS E 96 37.14 8.87 11.26
N THR E 97 38.34 9.44 11.31
CA THR E 97 39.51 8.63 11.66
C THR E 97 40.73 9.48 11.96
N ARG E 98 41.55 9.05 12.92
CA ARG E 98 42.70 9.86 13.27
C ARG E 98 43.95 9.45 12.53
N LEU E 99 44.56 10.39 11.81
CA LEU E 99 45.87 10.14 11.23
C LEU E 99 46.95 10.37 12.28
N TYR E 100 47.70 9.31 12.57
CA TYR E 100 48.72 9.35 13.60
C TYR E 100 50.10 9.44 12.97
N LEU E 101 51.02 10.12 13.65
CA LEU E 101 52.39 10.27 13.17
C LEU E 101 53.29 9.35 13.96
N PHE E 102 53.66 8.23 13.36
CA PHE E 102 54.59 7.31 14.00
C PHE E 102 56.00 7.85 13.90
N GLU E 103 56.51 8.40 14.98
CA GLU E 103 57.87 8.90 14.98
C GLU E 103 58.84 7.76 15.16
N GLY E 104 59.02 6.95 14.11
CA GLY E 104 60.06 5.94 14.13
C GLY E 104 61.38 6.64 13.94
N ALA E 105 62.32 5.97 13.26
CA ALA E 105 63.59 6.59 12.88
C ALA E 105 63.45 7.11 11.46
N GLN E 106 62.59 6.45 10.69
CA GLN E 106 61.98 6.99 9.47
C GLN E 106 60.48 6.99 9.71
N SER E 107 59.94 8.14 10.09
CA SER E 107 58.53 8.26 10.51
C SER E 107 57.53 8.04 9.38
N SER E 108 56.30 7.71 9.75
CA SER E 108 55.23 7.65 8.75
C SER E 108 53.86 7.99 9.35
N ASN E 109 52.83 7.89 8.54
CA ASN E 109 51.48 8.13 9.00
C ASN E 109 50.55 7.01 8.58
N ALA E 110 49.62 6.67 9.46
CA ALA E 110 48.58 5.69 9.16
C ALA E 110 47.34 5.92 10.05
N PHE E 111 46.17 5.53 9.57
CA PHE E 111 44.93 5.71 10.33
C PHE E 111 44.69 4.63 11.36
N ASP E 112 45.16 4.88 12.58
CA ASP E 112 45.17 3.88 13.66
C ASP E 112 43.93 3.87 14.55
N LEU E 113 43.15 4.96 14.50
CA LEU E 113 41.98 5.14 15.34
C LEU E 113 40.77 5.39 14.46
N TRP E 114 39.66 4.71 14.74
CA TRP E 114 38.45 4.83 13.92
C TRP E 114 37.17 4.94 14.74
N GLY E 115 36.36 5.94 14.41
CA GLY E 115 34.99 6.01 14.90
C GLY E 115 34.23 4.78 14.46
N GLN E 116 33.06 4.57 15.04
CA GLN E 116 32.22 3.42 14.71
C GLN E 116 31.40 3.68 13.45
N GLY E 117 31.49 4.89 12.92
CA GLY E 117 30.75 5.22 11.72
C GLY E 117 29.33 5.69 11.99
N THR E 118 28.80 6.49 11.07
CA THR E 118 27.45 7.00 11.13
C THR E 118 26.76 6.58 9.84
N MET E 119 25.68 5.80 9.94
CA MET E 119 25.01 5.36 8.72
C MET E 119 24.11 6.47 8.23
N ILE E 120 24.30 6.87 6.98
CA ILE E 120 23.48 7.92 6.37
C ILE E 120 22.74 7.38 5.14
N LEU E 121 21.42 7.29 5.30
CA LEU E 121 20.55 6.79 4.26
C LEU E 121 19.80 7.98 3.71
N VAL E 122 20.06 8.34 2.45
CA VAL E 122 19.32 9.43 1.81
C VAL E 122 18.36 8.87 0.78
N SER E 123 17.08 9.11 0.99
CA SER E 123 16.04 8.56 0.15
C SER E 123 14.73 9.31 0.32
N SER E 124 13.97 9.44 -0.77
CA SER E 124 12.65 10.06 -0.72
C SER E 124 11.60 9.12 -0.12
N GLY E 125 11.97 7.86 0.07
CA GLY E 125 11.04 6.87 0.57
C GLY E 125 10.29 7.36 1.78
N THR E 126 8.97 7.18 1.79
CA THR E 126 8.17 7.47 2.98
C THR E 126 8.04 6.17 3.77
N THR E 127 7.85 6.31 5.09
CA THR E 127 7.89 5.23 6.06
C THR E 127 6.65 4.34 5.93
N LYS E 128 6.86 3.04 5.87
CA LYS E 128 5.82 2.18 5.32
C LYS E 128 6.03 0.68 5.61
N GLY E 129 4.94 0.02 6.01
CA GLY E 129 4.98 -1.39 6.34
C GLY E 129 4.96 -2.30 5.13
N PRO E 130 5.29 -3.57 5.33
CA PRO E 130 5.39 -4.49 4.20
C PRO E 130 4.08 -5.21 3.93
N SER E 131 3.89 -5.62 2.68
CA SER E 131 2.86 -6.59 2.39
C SER E 131 3.53 -7.94 2.59
N VAL E 132 2.86 -8.83 3.29
CA VAL E 132 3.41 -10.15 3.52
C VAL E 132 2.62 -11.19 2.72
N PHE E 133 3.37 -12.00 1.96
CA PHE E 133 2.81 -13.03 1.11
C PHE E 133 3.37 -14.42 1.46
N PRO E 134 2.50 -15.43 1.47
CA PRO E 134 2.96 -16.77 1.85
C PRO E 134 3.81 -17.43 0.76
N LEU E 135 4.86 -18.13 1.15
CA LEU E 135 5.63 -18.95 0.22
C LEU E 135 5.25 -20.44 0.40
N ALA E 136 4.20 -20.87 -0.29
CA ALA E 136 3.63 -22.21 -0.09
C ALA E 136 4.61 -23.36 -0.38
N PRO E 137 4.66 -24.33 0.54
CA PRO E 137 5.49 -25.54 0.54
C PRO E 137 6.01 -25.94 -0.83
N SER E 138 7.32 -26.25 -0.89
CA SER E 138 8.00 -26.59 -2.13
C SER E 138 9.31 -27.33 -1.89
N SER E 139 9.36 -28.59 -2.31
CA SER E 139 10.59 -29.41 -2.32
C SER E 139 11.76 -28.81 -1.56
N GLY E 145 13.41 -36.03 0.06
CA GLY E 145 14.12 -35.48 1.20
C GLY E 145 13.23 -34.71 2.17
N THR E 146 13.11 -33.40 1.95
CA THR E 146 12.32 -32.53 2.83
C THR E 146 11.46 -31.51 2.06
N ALA E 147 11.14 -30.40 2.71
CA ALA E 147 10.35 -29.36 2.04
C ALA E 147 10.56 -27.96 2.63
N ALA E 148 10.53 -26.95 1.78
CA ALA E 148 10.71 -25.57 2.22
C ALA E 148 9.41 -24.75 2.12
N LEU E 149 9.22 -23.87 3.08
CA LEU E 149 8.11 -22.92 3.08
C LEU E 149 8.61 -21.63 3.73
N GLY E 150 7.95 -20.51 3.47
CA GLY E 150 8.35 -19.26 4.08
C GLY E 150 7.43 -18.08 3.87
N CYS E 151 7.92 -16.90 4.26
CA CYS E 151 7.19 -15.65 4.08
C CYS E 151 7.96 -14.67 3.21
N LEU E 152 7.24 -14.01 2.32
CA LEU E 152 7.82 -12.94 1.54
C LEU E 152 7.36 -11.62 2.15
N VAL E 153 8.31 -10.87 2.67
CA VAL E 153 8.00 -9.59 3.28
C VAL E 153 8.34 -8.52 2.26
N LYS E 154 7.32 -8.04 1.57
CA LYS E 154 7.49 -7.19 0.39
C LYS E 154 7.42 -5.66 0.65
N ASP E 155 8.52 -4.99 0.30
CA ASP E 155 8.69 -3.54 0.31
C ASP E 155 8.13 -2.73 1.48
N TYR E 156 8.83 -2.86 2.61
CA TYR E 156 8.69 -2.00 3.77
C TYR E 156 9.76 -0.90 3.69
N PHE E 157 9.65 0.11 4.55
CA PHE E 157 10.66 1.16 4.69
C PHE E 157 10.51 1.97 6.00
N PRO E 158 11.61 2.18 6.72
CA PRO E 158 12.95 1.64 6.45
C PRO E 158 13.22 0.32 7.19
N GLU E 159 14.48 -0.09 7.24
CA GLU E 159 14.87 -1.23 8.04
C GLU E 159 14.79 -0.90 9.54
N PRO E 160 14.68 -1.94 10.38
CA PRO E 160 14.48 -3.33 9.94
C PRO E 160 13.04 -3.80 10.19
N VAL E 161 12.78 -5.04 9.79
CA VAL E 161 11.59 -5.77 10.23
C VAL E 161 12.06 -6.95 11.06
N THR E 162 11.19 -7.45 11.93
CA THR E 162 11.49 -8.69 12.64
C THR E 162 10.47 -9.73 12.23
N VAL E 163 10.93 -10.97 12.08
CA VAL E 163 10.09 -12.07 11.66
C VAL E 163 10.24 -13.24 12.61
N SER E 164 9.12 -13.73 13.10
CA SER E 164 9.10 -14.82 14.04
C SER E 164 8.20 -15.86 13.45
N TRP E 165 8.13 -17.02 14.08
CA TRP E 165 7.27 -18.10 13.59
C TRP E 165 6.43 -18.69 14.70
N ASN E 166 5.13 -18.82 14.41
CA ASN E 166 4.20 -19.39 15.38
C ASN E 166 4.36 -18.68 16.70
N SER E 167 4.56 -17.37 16.61
CA SER E 167 4.73 -16.45 17.75
C SER E 167 6.05 -16.57 18.50
N GLY E 168 6.96 -17.37 17.98
CA GLY E 168 8.24 -17.57 18.62
C GLY E 168 8.41 -18.99 19.12
N ALA E 169 7.34 -19.77 19.05
CA ALA E 169 7.37 -21.17 19.48
C ALA E 169 8.36 -21.97 18.63
N LEU E 170 8.28 -21.78 17.33
CA LEU E 170 9.08 -22.53 16.37
C LEU E 170 10.30 -21.75 15.94
N THR E 171 11.48 -22.25 16.33
CA THR E 171 12.75 -21.61 15.99
C THR E 171 13.67 -22.51 15.17
N SER E 172 13.44 -23.82 15.26
CA SER E 172 14.31 -24.78 14.59
C SER E 172 13.96 -24.93 13.10
N GLY E 173 14.92 -24.62 12.24
CA GLY E 173 14.75 -24.81 10.81
C GLY E 173 14.53 -23.50 10.08
N VAL E 174 14.56 -22.41 10.83
CA VAL E 174 14.24 -21.09 10.31
C VAL E 174 15.49 -20.29 9.90
N HIS E 175 15.46 -19.78 8.68
CA HIS E 175 16.44 -18.79 8.23
C HIS E 175 15.75 -17.57 7.64
N THR E 176 16.01 -16.42 8.23
CA THR E 176 15.49 -15.16 7.72
C THR E 176 16.62 -14.45 6.98
N PHE E 177 16.42 -14.21 5.68
CA PHE E 177 17.42 -13.59 4.83
C PHE E 177 17.57 -12.09 5.07
N PRO E 178 18.77 -11.56 4.79
CA PRO E 178 18.90 -10.11 4.83
C PRO E 178 17.97 -9.50 3.80
N ALA E 179 17.88 -8.17 3.81
CA ALA E 179 16.96 -7.49 2.94
C ALA E 179 17.64 -7.13 1.62
N VAL E 180 16.84 -6.93 0.57
CA VAL E 180 17.27 -6.39 -0.70
C VAL E 180 16.61 -5.02 -0.88
N LEU E 181 17.37 -4.03 -1.29
CA LEU E 181 16.79 -2.75 -1.65
C LEU E 181 16.42 -2.77 -3.13
N GLN E 182 15.14 -2.62 -3.42
CA GLN E 182 14.69 -2.67 -4.80
C GLN E 182 14.73 -1.30 -5.42
N SER E 183 14.78 -1.28 -6.75
CA SER E 183 14.78 -0.01 -7.46
C SER E 183 13.68 0.87 -6.89
N SER E 184 12.54 0.27 -6.57
CA SER E 184 11.42 1.00 -6.02
C SER E 184 11.92 1.92 -4.91
N GLY E 185 13.05 1.53 -4.31
CA GLY E 185 13.60 2.23 -3.17
C GLY E 185 13.10 1.64 -1.87
N LEU E 186 12.43 0.49 -1.97
CA LEU E 186 11.89 -0.20 -0.82
C LEU E 186 12.51 -1.59 -0.66
N TYR E 187 12.53 -2.07 0.58
CA TYR E 187 13.17 -3.33 0.96
C TYR E 187 12.23 -4.53 0.95
N SER E 188 12.78 -5.71 0.66
CA SER E 188 12.05 -6.98 0.74
C SER E 188 12.98 -8.08 1.26
N LEU E 189 12.52 -8.85 2.23
CA LEU E 189 13.22 -10.06 2.62
C LEU E 189 12.26 -11.22 2.66
N SER E 190 12.80 -12.42 2.77
CA SER E 190 12.00 -13.61 2.91
C SER E 190 12.51 -14.38 4.10
N SER E 191 11.62 -15.05 4.80
CA SER E 191 12.03 -15.97 5.84
C SER E 191 11.53 -17.35 5.46
N VAL E 192 12.39 -18.35 5.64
CA VAL E 192 12.13 -19.69 5.17
C VAL E 192 12.21 -20.73 6.29
N VAL E 193 11.42 -21.79 6.17
CA VAL E 193 11.42 -22.82 7.17
C VAL E 193 11.53 -24.18 6.49
N THR E 194 12.61 -24.87 6.82
CA THR E 194 12.85 -26.20 6.30
C THR E 194 12.09 -27.18 7.15
N VAL E 195 11.20 -27.95 6.53
CA VAL E 195 10.38 -28.88 7.28
C VAL E 195 10.20 -30.24 6.60
N PRO E 196 9.86 -31.27 7.39
CA PRO E 196 9.62 -32.58 6.79
C PRO E 196 8.22 -32.59 6.19
N SER E 197 8.04 -33.34 5.12
CA SER E 197 6.78 -33.31 4.38
C SER E 197 5.58 -33.89 5.14
N SER E 198 5.81 -34.86 6.03
CA SER E 198 4.74 -35.36 6.88
C SER E 198 4.07 -34.17 7.51
N SER E 199 4.85 -33.45 8.33
CA SER E 199 4.39 -32.25 9.00
C SER E 199 3.52 -31.43 8.08
N LEU E 200 4.00 -31.22 6.86
CA LEU E 200 3.33 -30.35 5.91
C LEU E 200 1.86 -30.70 5.72
N GLY E 201 1.51 -31.97 5.90
CA GLY E 201 0.12 -32.38 5.91
C GLY E 201 -0.53 -31.95 7.21
N THR E 202 0.17 -32.24 8.31
CA THR E 202 -0.33 -32.02 9.68
C THR E 202 -0.15 -30.60 10.23
N GLN E 203 1.08 -30.10 10.19
CA GLN E 203 1.47 -28.89 10.93
C GLN E 203 0.94 -27.58 10.35
N THR E 204 0.98 -26.55 11.19
CA THR E 204 0.56 -25.20 10.82
C THR E 204 1.70 -24.25 11.04
N TYR E 205 1.90 -23.34 10.10
CA TYR E 205 3.03 -22.45 10.14
C TYR E 205 2.60 -21.03 9.85
N ILE E 206 2.93 -20.13 10.78
CA ILE E 206 2.49 -18.76 10.73
C ILE E 206 3.67 -17.84 10.94
N CYS E 207 3.92 -16.98 9.96
CA CYS E 207 4.95 -15.97 10.11
C CYS E 207 4.34 -14.74 10.78
N ASN E 208 4.98 -14.28 11.86
CA ASN E 208 4.59 -13.02 12.50
C ASN E 208 5.65 -12.01 12.19
N VAL E 209 5.26 -11.00 11.42
CA VAL E 209 6.18 -9.99 10.94
C VAL E 209 5.93 -8.67 11.69
N ASN E 210 7.00 -8.01 12.11
CA ASN E 210 6.86 -6.75 12.82
C ASN E 210 7.73 -5.67 12.19
N HIS E 211 7.12 -4.54 11.86
CA HIS E 211 7.85 -3.38 11.36
C HIS E 211 7.58 -2.21 12.31
N LYS E 212 8.47 -2.01 13.27
CA LYS E 212 8.17 -1.08 14.36
C LYS E 212 7.96 0.37 13.91
N PRO E 213 8.76 0.82 12.92
CA PRO E 213 8.68 2.21 12.48
C PRO E 213 7.32 2.59 11.91
N SER E 214 6.56 1.60 11.45
CA SER E 214 5.21 1.85 10.95
C SER E 214 4.20 1.27 11.90
N ASN E 215 4.65 0.82 13.05
CA ASN E 215 3.73 0.27 14.00
C ASN E 215 2.84 -0.72 13.29
N THR E 216 3.46 -1.61 12.53
CA THR E 216 2.70 -2.55 11.73
C THR E 216 3.03 -3.98 12.14
N LYS E 217 2.00 -4.76 12.40
CA LYS E 217 2.17 -6.17 12.75
C LYS E 217 1.28 -7.05 11.88
N VAL E 218 1.88 -8.08 11.32
CA VAL E 218 1.15 -8.99 10.47
C VAL E 218 1.43 -10.43 10.87
N ASP E 219 0.41 -11.26 10.77
CA ASP E 219 0.59 -12.68 10.84
C ASP E 219 0.00 -13.23 9.57
N LYS E 220 0.64 -14.25 9.02
CA LYS E 220 0.09 -14.88 7.84
C LYS E 220 0.27 -16.40 7.89
N LYS E 221 -0.85 -17.12 7.81
CA LYS E 221 -0.81 -18.57 7.72
C LYS E 221 -0.23 -18.96 6.38
N VAL E 222 0.74 -19.88 6.41
CA VAL E 222 1.32 -20.44 5.19
C VAL E 222 0.77 -21.85 4.93
N GLU E 223 0.17 -22.03 3.76
CA GLU E 223 -0.49 -23.29 3.43
C GLU E 223 -0.12 -23.78 2.04
N PRO E 224 0.03 -25.12 1.91
CA PRO E 224 0.27 -25.78 0.62
C PRO E 224 -0.66 -25.19 -0.42
N LYS E 225 -0.13 -24.93 -1.60
CA LYS E 225 -0.85 -24.16 -2.60
C LYS E 225 -2.30 -24.57 -2.79
N SER E 226 -3.20 -23.77 -2.23
CA SER E 226 -4.62 -23.84 -2.54
C SER E 226 -5.20 -25.25 -2.40
N ARG F 4 55.26 17.73 13.86
CA ARG F 4 54.02 17.66 14.64
C ARG F 4 52.79 17.50 13.76
N LYS F 5 52.57 18.51 12.93
CA LYS F 5 51.53 18.49 11.92
C LYS F 5 52.02 17.71 10.71
N ARG F 6 53.33 17.51 10.65
CA ARG F 6 53.97 16.95 9.46
C ARG F 6 53.46 15.57 8.97
N ILE F 7 53.38 15.40 7.65
CA ILE F 7 52.92 14.14 7.07
C ILE F 7 53.96 13.60 6.10
N ARG F 8 54.37 12.36 6.30
CA ARG F 8 55.48 11.81 5.52
C ARG F 8 55.03 10.71 4.54
N VAL F 9 54.98 11.08 3.27
CA VAL F 9 54.27 10.32 2.26
C VAL F 9 55.09 9.19 1.68
N GLY F 10 56.40 9.38 1.64
CA GLY F 10 57.32 8.42 1.06
C GLY F 10 58.73 8.86 1.39
N PRO F 11 59.72 8.00 1.15
CA PRO F 11 61.13 8.29 1.47
C PRO F 11 61.54 9.66 0.93
N GLY F 12 62.07 10.50 1.81
CA GLY F 12 62.41 11.86 1.45
C GLY F 12 61.25 12.78 1.08
N GLN F 13 60.03 12.46 1.50
CA GLN F 13 58.89 13.29 1.15
C GLN F 13 58.16 13.75 2.40
N THR F 14 58.37 14.99 2.79
CA THR F 14 57.68 15.53 3.94
C THR F 14 56.80 16.68 3.51
N VAL F 15 55.59 16.70 4.03
CA VAL F 15 54.74 17.87 3.92
C VAL F 15 54.51 18.37 5.33
N TYR F 16 54.70 19.67 5.55
CA TYR F 16 54.46 20.28 6.84
C TYR F 16 55.60 20.00 7.83
#